data_4BO1
#
_entry.id   4BO1
#
_cell.length_a   54.110
_cell.length_b   109.020
_cell.length_c   145.490
_cell.angle_alpha   90.00
_cell.angle_beta   90.00
_cell.angle_gamma   90.00
#
_symmetry.space_group_name_H-M   'P 21 21 21'
#
loop_
_entity.id
_entity.type
_entity.pdbx_description
1 polymer '3-OXOACYL-[ACYL-CARRIER-PROTEIN] REDUCTASE FABG'
2 non-polymer N-(4-CHLORO-2,5-DIMETHOXYPHENYL)QUINOLINE-8-CARBOXAMIDE
3 water water
#
_entity_poly.entity_id   1
_entity_poly.type   'polypeptide(L)'
_entity_poly.pdbx_seq_one_letter_code
;MHHHHHHSSGVDLGTENLYFQSMSLQGKVALVTGASRGIGQAIALELGRLGAVVIGTATSASGAEKIAETLKANGVEGAG
LVLDVSSDESVAATLEHIQQHLGQPLIVVNNAGITRDNLLVRMKDDEWFDVVNTNLNSLYRLSKAVLRGMTKARWGRIIN
IGSVVGAMGNAGQTNYAAAKAGLEGFTRALAREVGSRAITVNAVAPGFIDTDMTRELPEAQREALLGQIPLGRLGQAEEI
AKVVGFLASDGAAYVTGATVPVNGGMYMS
;
_entity_poly.pdbx_strand_id   A,B,C,D
#
# COMPACT_ATOMS: atom_id res chain seq x y z
N LEU A 18 -11.50 -7.67 -37.29
CA LEU A 18 -12.06 -9.04 -37.29
C LEU A 18 -11.75 -9.82 -35.99
N TYR A 19 -10.46 -10.05 -35.75
CA TYR A 19 -10.05 -11.26 -35.08
C TYR A 19 -10.03 -11.24 -33.55
N PHE A 20 -9.94 -10.05 -32.92
CA PHE A 20 -9.72 -9.92 -31.51
C PHE A 20 -8.66 -10.99 -31.09
N GLN A 21 -7.55 -10.98 -31.84
CA GLN A 21 -6.47 -11.95 -31.65
C GLN A 21 -5.64 -11.74 -30.35
N SER A 22 -5.55 -10.54 -29.78
CA SER A 22 -4.84 -10.45 -28.49
C SER A 22 -5.69 -11.08 -27.38
N MET A 23 -6.94 -11.50 -27.68
CA MET A 23 -7.83 -12.20 -26.72
C MET A 23 -7.97 -13.73 -26.92
N SER A 24 -7.57 -14.28 -28.08
CA SER A 24 -7.66 -15.72 -28.33
C SER A 24 -6.78 -16.56 -27.36
N LEU A 25 -7.36 -17.60 -26.80
CA LEU A 25 -6.57 -18.64 -26.14
C LEU A 25 -6.60 -19.97 -26.91
N GLN A 26 -6.99 -19.88 -28.18
CA GLN A 26 -6.95 -21.01 -29.08
C GLN A 26 -5.58 -21.67 -29.01
N GLY A 27 -5.55 -22.99 -28.80
CA GLY A 27 -4.31 -23.73 -28.74
C GLY A 27 -3.66 -23.84 -27.36
N LYS A 28 -4.23 -23.16 -26.36
CA LYS A 28 -3.70 -23.28 -25.02
C LYS A 28 -4.54 -24.23 -24.18
N VAL A 29 -3.86 -24.87 -23.25
CA VAL A 29 -4.44 -25.71 -22.25
C VAL A 29 -4.39 -24.98 -20.91
N ALA A 30 -5.53 -24.95 -20.24
CA ALA A 30 -5.74 -24.21 -19.04
C ALA A 30 -6.20 -25.13 -17.93
N LEU A 31 -5.56 -25.03 -16.78
CA LEU A 31 -5.93 -25.79 -15.60
C LEU A 31 -6.55 -24.84 -14.62
N VAL A 32 -7.79 -25.12 -14.20
CA VAL A 32 -8.49 -24.28 -13.22
C VAL A 32 -8.87 -25.12 -12.03
N THR A 33 -8.26 -24.84 -10.87
CA THR A 33 -8.56 -25.59 -9.65
C THR A 33 -9.85 -25.04 -9.02
N GLY A 34 -10.62 -25.89 -8.34
CA GLY A 34 -11.86 -25.44 -7.68
C GLY A 34 -12.94 -25.01 -8.65
N ALA A 35 -13.12 -25.75 -9.74
CA ALA A 35 -13.93 -25.30 -10.88
C ALA A 35 -15.38 -25.73 -10.88
N SER A 36 -15.83 -26.34 -9.79
CA SER A 36 -17.17 -26.98 -9.81
C SER A 36 -18.30 -26.01 -9.57
N ARG A 37 -18.01 -24.83 -9.06
CA ARG A 37 -19.05 -23.87 -8.79
C ARG A 37 -18.54 -22.43 -8.78
N GLY A 38 -19.50 -21.51 -8.79
CA GLY A 38 -19.27 -20.12 -8.59
C GLY A 38 -18.12 -19.59 -9.41
N ILE A 39 -17.16 -19.00 -8.74
CA ILE A 39 -16.13 -18.28 -9.44
C ILE A 39 -15.25 -19.19 -10.32
N GLY A 40 -14.81 -20.31 -9.75
CA GLY A 40 -14.01 -21.31 -10.48
C GLY A 40 -14.73 -21.76 -11.74
N GLN A 41 -16.02 -22.02 -11.62
CA GLN A 41 -16.79 -22.51 -12.77
C GLN A 41 -16.87 -21.44 -13.81
N ALA A 42 -17.14 -20.20 -13.37
CA ALA A 42 -17.27 -19.11 -14.32
C ALA A 42 -15.96 -18.87 -15.06
N ILE A 43 -14.87 -19.06 -14.36
CA ILE A 43 -13.57 -18.93 -15.02
C ILE A 43 -13.32 -20.03 -16.08
N ALA A 44 -13.65 -21.25 -15.74
CA ALA A 44 -13.48 -22.36 -16.63
C ALA A 44 -14.25 -22.08 -17.91
N LEU A 45 -15.48 -21.57 -17.81
CA LEU A 45 -16.29 -21.27 -19.01
C LEU A 45 -15.73 -20.12 -19.79
N GLU A 46 -15.22 -19.11 -19.10
CA GLU A 46 -14.71 -17.94 -19.79
C GLU A 46 -13.47 -18.32 -20.56
N LEU A 47 -12.61 -19.12 -19.95
CA LEU A 47 -11.44 -19.55 -20.69
C LEU A 47 -11.83 -20.45 -21.89
N GLY A 48 -12.83 -21.30 -21.71
CA GLY A 48 -13.27 -22.15 -22.81
C GLY A 48 -13.86 -21.34 -23.94
N ARG A 49 -14.65 -20.34 -23.61
CA ARG A 49 -15.23 -19.48 -24.59
C ARG A 49 -14.16 -18.76 -25.38
N LEU A 50 -13.04 -18.43 -24.72
CA LEU A 50 -11.92 -17.77 -25.39
C LEU A 50 -11.05 -18.76 -26.19
N GLY A 51 -11.43 -20.05 -26.23
CA GLY A 51 -10.80 -21.01 -27.13
C GLY A 51 -9.79 -21.95 -26.48
N ALA A 52 -9.59 -21.84 -25.17
CA ALA A 52 -8.75 -22.81 -24.45
C ALA A 52 -9.42 -24.16 -24.34
N VAL A 53 -8.59 -25.20 -24.29
CA VAL A 53 -8.97 -26.46 -23.70
C VAL A 53 -8.81 -26.40 -22.17
N VAL A 54 -9.87 -26.74 -21.44
CA VAL A 54 -9.93 -26.50 -20.02
C VAL A 54 -10.04 -27.72 -19.17
N ILE A 55 -9.17 -27.81 -18.18
CA ILE A 55 -9.23 -28.86 -17.19
C ILE A 55 -9.61 -28.22 -15.92
N GLY A 56 -10.81 -28.56 -15.45
CA GLY A 56 -11.27 -28.07 -14.18
C GLY A 56 -11.11 -29.15 -13.16
N THR A 57 -10.76 -28.78 -11.93
CA THR A 57 -10.58 -29.73 -10.87
C THR A 57 -11.49 -29.49 -9.68
N ALA A 58 -11.70 -30.58 -8.96
CA ALA A 58 -12.47 -30.61 -7.73
C ALA A 58 -11.84 -31.67 -6.86
N THR A 59 -12.22 -31.68 -5.58
CA THR A 59 -11.62 -32.58 -4.60
C THR A 59 -12.37 -33.91 -4.50
N SER A 60 -13.62 -33.95 -4.99
CA SER A 60 -14.41 -35.18 -5.04
C SER A 60 -14.71 -35.59 -6.46
N ALA A 61 -15.05 -36.87 -6.63
CA ALA A 61 -15.43 -37.43 -7.94
C ALA A 61 -16.74 -36.84 -8.48
N SER A 62 -17.65 -36.44 -7.61
CA SER A 62 -18.89 -35.87 -8.09
C SER A 62 -18.65 -34.47 -8.65
N GLY A 63 -17.79 -33.70 -7.97
CA GLY A 63 -17.36 -32.39 -8.47
C GLY A 63 -16.68 -32.52 -9.81
N ALA A 64 -15.78 -33.48 -9.94
CA ALA A 64 -15.11 -33.68 -11.23
C ALA A 64 -16.13 -33.94 -12.35
N GLU A 65 -17.17 -34.72 -12.03
CA GLU A 65 -18.09 -35.22 -13.05
C GLU A 65 -18.99 -34.08 -13.40
N LYS A 66 -19.33 -33.29 -12.39
CA LYS A 66 -20.14 -32.13 -12.64
C LYS A 66 -19.43 -31.13 -13.54
N ILE A 67 -18.14 -30.93 -13.28
CA ILE A 67 -17.36 -30.04 -14.09
C ILE A 67 -17.44 -30.50 -15.56
N ALA A 68 -17.22 -31.78 -15.81
CA ALA A 68 -17.19 -32.29 -17.20
C ALA A 68 -18.50 -32.02 -17.88
N GLU A 69 -19.60 -32.27 -17.18
CA GLU A 69 -20.94 -31.96 -17.69
C GLU A 69 -21.17 -30.49 -18.00
N THR A 70 -20.77 -29.62 -17.11
CA THR A 70 -20.88 -28.17 -17.33
C THR A 70 -20.07 -27.73 -18.56
N LEU A 71 -18.85 -28.22 -18.67
CA LEU A 71 -18.03 -27.93 -19.85
C LEU A 71 -18.71 -28.41 -21.13
N LYS A 72 -19.18 -29.64 -21.11
CA LYS A 72 -19.90 -30.21 -22.27
C LYS A 72 -21.07 -29.34 -22.66
N ALA A 73 -21.95 -29.09 -21.70
CA ALA A 73 -23.19 -28.33 -22.00
C ALA A 73 -22.86 -26.98 -22.62
N ASN A 74 -21.66 -26.47 -22.34
CA ASN A 74 -21.21 -25.20 -22.94
C ASN A 74 -20.28 -25.30 -24.13
N GLY A 75 -20.05 -26.51 -24.63
CA GLY A 75 -19.27 -26.72 -25.84
C GLY A 75 -17.79 -26.52 -25.62
N VAL A 76 -17.35 -26.63 -24.38
CA VAL A 76 -15.97 -26.50 -24.04
C VAL A 76 -15.31 -27.90 -24.01
N GLU A 77 -14.29 -28.07 -24.83
CA GLU A 77 -13.44 -29.24 -24.82
C GLU A 77 -12.52 -29.17 -23.61
N GLY A 78 -12.20 -30.32 -23.04
CA GLY A 78 -11.46 -30.37 -21.80
C GLY A 78 -11.82 -31.55 -20.94
N ALA A 79 -11.79 -31.35 -19.62
CA ALA A 79 -12.05 -32.41 -18.68
C ALA A 79 -12.25 -31.92 -17.27
N GLY A 80 -12.95 -32.72 -16.47
CA GLY A 80 -13.02 -32.54 -15.04
C GLY A 80 -12.24 -33.62 -14.35
N LEU A 81 -11.39 -33.26 -13.39
CA LEU A 81 -10.63 -34.27 -12.68
C LEU A 81 -10.51 -33.96 -11.19
N VAL A 82 -10.09 -34.98 -10.46
CA VAL A 82 -9.93 -34.86 -9.01
C VAL A 82 -8.52 -34.43 -8.68
N LEU A 83 -8.40 -33.43 -7.82
CA LEU A 83 -7.10 -32.91 -7.42
C LEU A 83 -7.17 -32.38 -5.99
N ASP A 84 -6.17 -32.74 -5.20
CA ASP A 84 -6.03 -32.24 -3.84
C ASP A 84 -4.73 -31.44 -3.83
N VAL A 85 -4.86 -30.11 -3.80
CA VAL A 85 -3.69 -29.23 -3.91
C VAL A 85 -2.74 -29.36 -2.72
N SER A 86 -3.21 -29.94 -1.61
CA SER A 86 -2.35 -30.08 -0.41
C SER A 86 -1.43 -31.30 -0.46
N SER A 87 -1.50 -32.09 -1.52
CA SER A 87 -0.76 -33.34 -1.63
C SER A 87 0.19 -33.34 -2.83
N ASP A 88 1.50 -33.50 -2.58
CA ASP A 88 2.47 -33.59 -3.69
C ASP A 88 2.13 -34.72 -4.64
N GLU A 89 1.67 -35.83 -4.09
CA GLU A 89 1.39 -37.01 -4.89
C GLU A 89 0.22 -36.74 -5.84
N SER A 90 -0.87 -36.22 -5.30
CA SER A 90 -2.04 -35.87 -6.13
C SER A 90 -1.70 -34.87 -7.24
N VAL A 91 -0.91 -33.87 -6.88
CA VAL A 91 -0.47 -32.85 -7.82
C VAL A 91 0.34 -33.49 -8.95
N ALA A 92 1.40 -34.20 -8.61
CA ALA A 92 2.26 -34.82 -9.61
C ALA A 92 1.48 -35.76 -10.52
N ALA A 93 0.56 -36.53 -9.94
CA ALA A 93 -0.22 -37.51 -10.69
C ALA A 93 -1.15 -36.82 -11.64
N THR A 94 -1.83 -35.80 -11.14
CA THR A 94 -2.76 -35.06 -11.97
C THR A 94 -2.02 -34.45 -13.15
N LEU A 95 -0.89 -33.82 -12.88
CA LEU A 95 -0.17 -33.16 -13.98
C LEU A 95 0.23 -34.20 -15.03
N GLU A 96 0.68 -35.38 -14.58
CA GLU A 96 1.07 -36.47 -15.49
C GLU A 96 -0.10 -36.86 -16.35
N HIS A 97 -1.24 -37.06 -15.72
CA HIS A 97 -2.44 -37.43 -16.42
C HIS A 97 -2.84 -36.39 -17.47
N ILE A 98 -2.69 -35.11 -17.13
CA ILE A 98 -3.03 -34.04 -18.10
C ILE A 98 -2.06 -34.08 -19.28
N GLN A 99 -0.77 -34.21 -18.98
CA GLN A 99 0.27 -34.31 -20.01
C GLN A 99 -0.04 -35.42 -21.00
N GLN A 100 -0.30 -36.60 -20.47
CA GLN A 100 -0.55 -37.77 -21.29
C GLN A 100 -1.71 -37.54 -22.22
N HIS A 101 -2.83 -37.07 -21.65
CA HIS A 101 -4.08 -37.04 -22.39
C HIS A 101 -4.28 -35.76 -23.23
N LEU A 102 -3.74 -34.61 -22.81
CA LEU A 102 -4.02 -33.31 -23.49
C LEU A 102 -2.82 -32.41 -23.83
N GLY A 103 -1.76 -32.48 -23.06
CA GLY A 103 -0.59 -31.61 -23.23
C GLY A 103 -0.31 -30.84 -21.96
N GLN A 104 0.71 -29.99 -22.00
CA GLN A 104 1.10 -29.17 -20.85
C GLN A 104 0.21 -27.92 -20.61
N PRO A 105 -0.29 -27.74 -19.38
CA PRO A 105 -1.06 -26.54 -19.07
C PRO A 105 -0.15 -25.34 -18.93
N LEU A 106 -0.35 -24.37 -19.80
CA LEU A 106 0.43 -23.14 -19.75
C LEU A 106 -0.37 -21.99 -19.11
N ILE A 107 -1.64 -22.22 -18.78
CA ILE A 107 -2.46 -21.24 -18.07
C ILE A 107 -2.94 -21.99 -16.86
N VAL A 108 -2.59 -21.51 -15.67
CA VAL A 108 -3.04 -22.16 -14.44
C VAL A 108 -3.70 -21.11 -13.60
N VAL A 109 -4.92 -21.37 -13.18
CA VAL A 109 -5.68 -20.55 -12.29
C VAL A 109 -5.92 -21.25 -10.95
N ASN A 110 -5.35 -20.71 -9.91
CA ASN A 110 -5.45 -21.31 -8.58
C ASN A 110 -6.60 -20.71 -7.84
N ASN A 111 -7.68 -21.46 -7.71
CA ASN A 111 -8.88 -20.97 -7.05
C ASN A 111 -9.26 -21.82 -5.86
N ALA A 112 -8.42 -22.80 -5.50
CA ALA A 112 -8.76 -23.82 -4.49
C ALA A 112 -8.24 -23.55 -3.05
N GLY A 113 -8.92 -22.70 -2.27
CA GLY A 113 -8.49 -22.43 -0.88
C GLY A 113 -8.54 -23.69 -0.01
N ASP A 125 -10.82 -18.27 15.13
CA ASP A 125 -9.68 -17.37 14.89
C ASP A 125 -8.41 -17.60 15.74
N ASP A 126 -8.01 -18.86 15.90
CA ASP A 126 -6.60 -19.24 16.11
C ASP A 126 -6.18 -20.15 14.95
N GLU A 127 -7.04 -20.20 13.94
CA GLU A 127 -6.78 -20.80 12.62
C GLU A 127 -6.26 -19.78 11.60
N TRP A 128 -6.31 -18.49 11.91
CA TRP A 128 -5.95 -17.46 10.95
C TRP A 128 -4.55 -17.70 10.36
N PHE A 129 -3.61 -18.12 11.19
CA PHE A 129 -2.27 -18.35 10.72
C PHE A 129 -2.16 -19.60 9.88
N ASP A 130 -2.77 -20.68 10.36
CA ASP A 130 -2.71 -21.97 9.66
C ASP A 130 -3.40 -21.92 8.32
N VAL A 131 -4.51 -21.19 8.24
CA VAL A 131 -5.25 -21.07 6.98
C VAL A 131 -4.38 -20.43 5.90
N VAL A 132 -3.77 -19.28 6.23
CA VAL A 132 -2.94 -18.59 5.24
C VAL A 132 -1.73 -19.45 4.91
N ASN A 133 -1.10 -19.98 5.94
CA ASN A 133 0.08 -20.82 5.74
C ASN A 133 -0.20 -21.97 4.78
N THR A 134 -1.35 -22.58 4.94
CA THR A 134 -1.72 -23.75 4.20
C THR A 134 -2.05 -23.37 2.77
N ASN A 135 -2.78 -22.28 2.60
CA ASN A 135 -3.09 -21.81 1.27
C ASN A 135 -1.87 -21.37 0.49
N LEU A 136 -0.91 -20.72 1.13
CA LEU A 136 0.28 -20.28 0.35
C LEU A 136 1.15 -21.46 0.02
N ASN A 137 1.26 -22.41 0.95
CA ASN A 137 1.98 -23.62 0.66
C ASN A 137 1.36 -24.40 -0.55
N SER A 138 0.04 -24.37 -0.69
CA SER A 138 -0.59 -25.06 -1.82
C SER A 138 -0.44 -24.26 -3.12
N LEU A 139 -0.55 -22.95 -3.08
CA LEU A 139 -0.22 -22.15 -4.26
C LEU A 139 1.18 -22.47 -4.77
N TYR A 140 2.15 -22.50 -3.86
CA TYR A 140 3.54 -22.76 -4.18
C TYR A 140 3.72 -24.12 -4.78
N ARG A 141 3.10 -25.12 -4.16
CA ARG A 141 3.22 -26.50 -4.61
C ARG A 141 2.64 -26.62 -6.03
N LEU A 142 1.47 -26.08 -6.28
CA LEU A 142 0.93 -26.23 -7.64
C LEU A 142 1.73 -25.43 -8.63
N SER A 143 2.09 -24.21 -8.27
CA SER A 143 2.87 -23.33 -9.13
C SER A 143 4.20 -23.95 -9.57
N LYS A 144 4.98 -24.42 -8.62
CA LYS A 144 6.28 -25.04 -8.89
C LYS A 144 6.15 -26.24 -9.82
N ALA A 145 5.10 -27.03 -9.64
CA ALA A 145 4.91 -28.18 -10.50
C ALA A 145 4.61 -27.76 -11.93
N VAL A 146 3.86 -26.68 -12.14
CA VAL A 146 3.49 -26.30 -13.48
C VAL A 146 4.56 -25.49 -14.21
N LEU A 147 5.49 -24.93 -13.45
CA LEU A 147 6.53 -24.09 -14.02
C LEU A 147 7.47 -24.76 -14.97
N ARG A 148 7.67 -26.06 -14.79
CA ARG A 148 8.59 -26.74 -15.67
C ARG A 148 8.04 -26.73 -17.07
N GLY A 149 6.76 -27.09 -17.24
CA GLY A 149 6.14 -27.00 -18.58
C GLY A 149 6.22 -25.60 -19.19
N MET A 150 6.05 -24.57 -18.34
CA MET A 150 5.96 -23.21 -18.83
C MET A 150 7.36 -22.70 -19.20
N THR A 151 8.35 -23.04 -18.38
CA THR A 151 9.74 -22.78 -18.70
C THR A 151 10.15 -23.40 -20.05
N LYS A 152 9.89 -24.67 -20.26
CA LYS A 152 10.22 -25.31 -21.54
C LYS A 152 9.61 -24.53 -22.67
N ALA A 153 8.35 -24.11 -22.50
CA ALA A 153 7.64 -23.41 -23.55
C ALA A 153 8.03 -21.95 -23.68
N ARG A 154 8.75 -21.41 -22.69
CA ARG A 154 9.03 -19.96 -22.60
C ARG A 154 7.76 -19.07 -22.64
N TRP A 155 6.72 -19.50 -21.94
CA TRP A 155 5.45 -18.79 -21.94
C TRP A 155 4.54 -19.34 -20.85
N GLY A 156 3.79 -18.48 -20.20
CA GLY A 156 2.94 -18.96 -19.13
C GLY A 156 2.14 -17.89 -18.44
N ARG A 157 1.04 -18.35 -17.84
CA ARG A 157 0.16 -17.49 -17.08
C ARG A 157 -0.24 -18.23 -15.83
N ILE A 158 0.15 -17.66 -14.67
CA ILE A 158 -0.36 -18.13 -13.39
C ILE A 158 -1.23 -17.01 -12.81
N ILE A 159 -2.45 -17.35 -12.47
CA ILE A 159 -3.40 -16.41 -11.93
C ILE A 159 -3.98 -16.99 -10.62
N ASN A 160 -3.74 -16.30 -9.50
CA ASN A 160 -4.21 -16.71 -8.18
C ASN A 160 -5.47 -15.95 -7.77
N ILE A 161 -6.51 -16.66 -7.33
CA ILE A 161 -7.79 -16.04 -7.02
C ILE A 161 -7.88 -15.95 -5.50
N GLY A 162 -8.08 -14.75 -4.99
CA GLY A 162 -8.24 -14.55 -3.58
C GLY A 162 -9.61 -15.06 -3.15
N SER A 163 -9.90 -14.99 -1.85
CA SER A 163 -11.21 -15.41 -1.33
C SER A 163 -12.23 -14.25 -1.34
N VAL A 164 -13.48 -14.63 -1.45
CA VAL A 164 -14.63 -13.73 -1.39
C VAL A 164 -14.91 -13.29 0.03
N VAL A 165 -15.24 -12.00 0.21
CA VAL A 165 -15.64 -11.42 1.49
C VAL A 165 -16.88 -12.15 1.94
N GLY A 166 -16.93 -12.57 3.21
CA GLY A 166 -18.05 -13.37 3.71
C GLY A 166 -17.82 -13.87 5.12
N ALA A 171 -12.63 -11.43 13.35
CA ALA A 171 -12.48 -12.86 13.09
C ALA A 171 -12.46 -13.15 11.60
N GLY A 172 -13.60 -12.99 10.92
CA GLY A 172 -13.66 -13.06 9.47
C GLY A 172 -12.84 -11.97 8.81
N GLN A 173 -12.86 -10.77 9.40
CA GLN A 173 -12.13 -9.62 8.87
C GLN A 173 -10.61 -9.82 8.93
N THR A 174 -10.18 -10.44 10.03
CA THR A 174 -8.75 -10.71 10.27
C THR A 174 -8.23 -11.73 9.27
N ASN A 175 -8.96 -12.84 9.15
CA ASN A 175 -8.62 -13.90 8.20
C ASN A 175 -8.59 -13.39 6.78
N TYR A 176 -9.60 -12.60 6.42
CA TYR A 176 -9.74 -12.07 5.07
C TYR A 176 -8.56 -11.14 4.74
N ALA A 177 -8.25 -10.24 5.66
CA ALA A 177 -7.18 -9.27 5.42
C ALA A 177 -5.82 -9.96 5.34
N ALA A 178 -5.62 -10.94 6.21
CA ALA A 178 -4.40 -11.71 6.24
C ALA A 178 -4.20 -12.54 4.96
N ALA A 179 -5.25 -13.22 4.51
CA ALA A 179 -5.16 -14.04 3.29
C ALA A 179 -4.89 -13.14 2.11
N LYS A 180 -5.50 -11.96 2.09
CA LYS A 180 -5.31 -11.04 0.96
C LYS A 180 -3.88 -10.47 0.93
N ALA A 181 -3.34 -10.05 2.11
CA ALA A 181 -1.95 -9.57 2.19
C ALA A 181 -0.90 -10.65 1.82
N GLY A 182 -1.11 -11.86 2.31
CA GLY A 182 -0.29 -12.98 1.92
C GLY A 182 -0.33 -13.24 0.42
N LEU A 183 -1.50 -13.19 -0.18
CA LEU A 183 -1.63 -13.46 -1.62
C LEU A 183 -0.97 -12.39 -2.47
N GLU A 184 -1.14 -11.13 -2.11
CA GLU A 184 -0.49 -10.06 -2.89
C GLU A 184 1.00 -10.19 -2.86
N GLY A 185 1.57 -10.43 -1.68
CA GLY A 185 3.02 -10.44 -1.51
C GLY A 185 3.59 -11.68 -2.17
N PHE A 186 2.89 -12.78 -2.01
CA PHE A 186 3.31 -14.03 -2.65
C PHE A 186 3.31 -13.89 -4.17
N THR A 187 2.26 -13.27 -4.69
CA THR A 187 2.11 -13.17 -6.15
C THR A 187 3.22 -12.31 -6.72
N ARG A 188 3.56 -11.25 -6.01
CA ARG A 188 4.61 -10.36 -6.48
C ARG A 188 5.99 -11.04 -6.44
N ALA A 189 6.23 -11.82 -5.41
CA ALA A 189 7.51 -12.50 -5.29
C ALA A 189 7.67 -13.51 -6.39
N LEU A 190 6.63 -14.32 -6.60
CA LEU A 190 6.74 -15.34 -7.59
C LEU A 190 6.87 -14.74 -9.01
N ALA A 191 6.14 -13.67 -9.26
CA ALA A 191 6.33 -12.90 -10.48
C ALA A 191 7.77 -12.56 -10.74
N ARG A 192 8.48 -12.04 -9.72
CA ARG A 192 9.89 -11.74 -9.79
C ARG A 192 10.78 -12.93 -10.10
N GLU A 193 10.49 -14.07 -9.49
CA GLU A 193 11.26 -15.28 -9.70
C GLU A 193 11.18 -15.83 -11.10
N VAL A 194 10.02 -15.76 -11.73
CA VAL A 194 9.83 -16.44 -13.00
C VAL A 194 9.69 -15.52 -14.19
N GLY A 195 9.80 -14.22 -13.96
CA GLY A 195 9.63 -13.24 -15.04
C GLY A 195 10.58 -13.36 -16.22
N SER A 196 11.84 -13.70 -15.98
CA SER A 196 12.79 -13.84 -17.11
C SER A 196 12.33 -14.88 -18.17
N ARG A 197 11.42 -15.78 -17.78
CA ARG A 197 10.94 -16.85 -18.65
C ARG A 197 9.66 -16.52 -19.43
N ALA A 198 9.28 -15.24 -19.46
CA ALA A 198 8.02 -14.79 -20.10
C ALA A 198 6.77 -15.48 -19.50
N ILE A 199 6.84 -15.71 -18.20
CA ILE A 199 5.74 -16.23 -17.44
C ILE A 199 5.22 -15.10 -16.54
N THR A 200 3.95 -14.73 -16.65
CA THR A 200 3.36 -13.74 -15.77
C THR A 200 2.61 -14.41 -14.61
N VAL A 201 2.66 -13.76 -13.46
CA VAL A 201 2.01 -14.20 -12.24
C VAL A 201 1.21 -13.05 -11.68
N ASN A 202 -0.09 -13.21 -11.60
CA ASN A 202 -0.98 -12.17 -11.09
C ASN A 202 -2.05 -12.76 -10.22
N ALA A 203 -2.79 -11.89 -9.54
CA ALA A 203 -3.84 -12.32 -8.71
C ALA A 203 -5.08 -11.46 -8.98
N VAL A 204 -6.21 -11.98 -8.53
CA VAL A 204 -7.49 -11.26 -8.54
C VAL A 204 -8.05 -11.35 -7.17
N ALA A 205 -8.42 -10.21 -6.61
CA ALA A 205 -8.88 -10.13 -5.25
C ALA A 205 -10.37 -9.75 -5.30
N PRO A 206 -11.27 -10.74 -5.24
CA PRO A 206 -12.67 -10.41 -5.21
C PRO A 206 -13.17 -9.76 -3.95
N GLY A 207 -14.27 -9.02 -4.11
CA GLY A 207 -15.01 -8.43 -3.00
C GLY A 207 -16.22 -9.33 -2.67
N PHE A 208 -17.40 -8.73 -2.50
CA PHE A 208 -18.63 -9.42 -2.21
C PHE A 208 -19.24 -9.85 -3.55
N ILE A 209 -19.14 -11.14 -3.82
CA ILE A 209 -19.54 -11.70 -5.09
C ILE A 209 -20.68 -12.63 -4.80
N ASP A 210 -21.69 -12.63 -5.66
CA ASP A 210 -22.86 -13.43 -5.51
C ASP A 210 -22.56 -14.92 -5.75
N THR A 211 -22.41 -15.71 -4.68
CA THR A 211 -22.17 -17.15 -4.82
C THR A 211 -22.95 -17.96 -3.81
N ASP A 212 -22.75 -19.28 -3.86
CA ASP A 212 -23.39 -20.21 -2.92
C ASP A 212 -23.12 -19.83 -1.48
N MET A 213 -21.87 -19.60 -1.13
CA MET A 213 -21.53 -19.21 0.24
C MET A 213 -22.19 -17.87 0.64
N THR A 214 -22.30 -16.90 -0.28
CA THR A 214 -22.80 -15.57 0.09
C THR A 214 -24.33 -15.47 0.08
N ARG A 215 -24.98 -16.26 -0.77
CA ARG A 215 -26.45 -16.26 -0.82
C ARG A 215 -27.11 -16.68 0.51
N GLU A 216 -26.38 -17.45 1.32
CA GLU A 216 -26.92 -18.03 2.53
C GLU A 216 -26.36 -17.41 3.80
N LEU A 217 -25.51 -16.41 3.67
CA LEU A 217 -25.24 -15.52 4.77
C LEU A 217 -26.56 -14.90 5.32
N PRO A 218 -26.63 -14.71 6.64
CA PRO A 218 -27.78 -13.99 7.24
C PRO A 218 -27.99 -12.62 6.61
N GLU A 219 -29.24 -12.17 6.52
CA GLU A 219 -29.56 -10.93 5.83
C GLU A 219 -28.84 -9.75 6.44
N ALA A 220 -28.83 -9.66 7.76
CA ALA A 220 -28.14 -8.56 8.44
C ALA A 220 -26.72 -8.37 7.86
N GLN A 221 -25.99 -9.47 7.75
CA GLN A 221 -24.62 -9.43 7.26
C GLN A 221 -24.56 -9.05 5.77
N ARG A 222 -25.47 -9.59 4.96
CA ARG A 222 -25.55 -9.25 3.55
C ARG A 222 -25.94 -7.77 3.31
N GLU A 223 -26.89 -7.24 4.07
CA GLU A 223 -27.28 -5.82 3.92
C GLU A 223 -26.20 -4.84 4.43
N ALA A 224 -25.50 -5.20 5.51
CA ALA A 224 -24.39 -4.40 6.01
C ALA A 224 -23.29 -4.31 4.92
N LEU A 225 -23.07 -5.43 4.24
CA LEU A 225 -21.96 -5.54 3.32
C LEU A 225 -22.27 -4.73 2.04
N LEU A 226 -23.48 -4.88 1.51
CA LEU A 226 -23.99 -4.02 0.44
C LEU A 226 -23.88 -2.50 0.70
N GLY A 227 -24.12 -2.11 1.95
CA GLY A 227 -24.07 -0.69 2.32
C GLY A 227 -22.66 -0.11 2.22
N GLN A 228 -21.65 -0.97 2.18
CA GLN A 228 -20.27 -0.54 2.01
C GLN A 228 -19.70 -0.62 0.60
N ILE A 229 -20.54 -0.99 -0.39
CA ILE A 229 -20.11 -1.11 -1.79
C ILE A 229 -20.59 0.05 -2.63
N PRO A 230 -19.68 0.93 -3.09
CA PRO A 230 -20.09 2.06 -3.88
C PRO A 230 -20.99 1.71 -5.09
N LEU A 231 -20.71 0.63 -5.81
CA LEU A 231 -21.62 0.23 -6.91
C LEU A 231 -23.00 -0.17 -6.42
N GLY A 232 -23.16 -0.42 -5.13
CA GLY A 232 -24.47 -0.71 -4.59
C GLY A 232 -25.02 -2.07 -5.00
N ARG A 233 -24.15 -3.01 -5.37
CA ARG A 233 -24.61 -4.36 -5.69
C ARG A 233 -23.47 -5.36 -5.51
N LEU A 234 -23.85 -6.64 -5.50
CA LEU A 234 -22.89 -7.74 -5.44
C LEU A 234 -22.32 -7.91 -6.82
N GLY A 235 -21.09 -8.39 -6.89
CA GLY A 235 -20.49 -8.73 -8.17
C GLY A 235 -21.01 -10.09 -8.62
N GLN A 236 -21.04 -10.31 -9.94
CA GLN A 236 -21.32 -11.62 -10.50
C GLN A 236 -19.98 -12.39 -10.68
N ALA A 237 -20.08 -13.70 -10.58
CA ALA A 237 -18.93 -14.57 -10.80
C ALA A 237 -18.30 -14.30 -12.17
N GLU A 238 -19.14 -14.02 -13.18
CA GLU A 238 -18.70 -13.74 -14.56
C GLU A 238 -17.77 -12.53 -14.59
N GLU A 239 -17.96 -11.61 -13.64
CA GLU A 239 -17.19 -10.38 -13.59
C GLU A 239 -15.78 -10.63 -13.04
N ILE A 240 -15.60 -11.67 -12.23
CA ILE A 240 -14.24 -12.13 -11.88
C ILE A 240 -13.61 -12.82 -13.11
N ALA A 241 -14.41 -13.67 -13.74
CA ALA A 241 -13.92 -14.50 -14.86
C ALA A 241 -13.42 -13.67 -16.03
N LYS A 242 -14.08 -12.57 -16.31
CA LYS A 242 -13.63 -11.69 -17.34
C LYS A 242 -12.25 -11.16 -17.07
N VAL A 243 -11.98 -10.78 -15.82
CA VAL A 243 -10.72 -10.23 -15.46
C VAL A 243 -9.67 -11.31 -15.68
N VAL A 244 -9.96 -12.52 -15.25
CA VAL A 244 -9.02 -13.64 -15.42
C VAL A 244 -8.77 -13.86 -16.91
N GLY A 245 -9.82 -13.84 -17.68
CA GLY A 245 -9.68 -14.05 -19.16
C GLY A 245 -8.75 -13.03 -19.75
N PHE A 246 -8.92 -11.79 -19.39
CA PHE A 246 -7.93 -10.78 -19.83
C PHE A 246 -6.52 -11.07 -19.39
N LEU A 247 -6.30 -11.43 -18.10
CA LEU A 247 -4.91 -11.58 -17.62
C LEU A 247 -4.23 -12.74 -18.33
N ALA A 248 -5.02 -13.73 -18.74
CA ALA A 248 -4.49 -14.88 -19.48
C ALA A 248 -4.15 -14.64 -20.96
N SER A 249 -4.58 -13.51 -21.50
CA SER A 249 -4.34 -13.16 -22.88
C SER A 249 -2.99 -12.57 -23.12
N ASP A 250 -2.65 -12.50 -24.40
CA ASP A 250 -1.40 -11.91 -24.85
C ASP A 250 -1.42 -10.42 -24.61
N GLY A 251 -2.58 -9.81 -24.62
CA GLY A 251 -2.69 -8.40 -24.29
C GLY A 251 -2.23 -8.03 -22.88
N ALA A 252 -2.23 -8.97 -21.94
CA ALA A 252 -1.75 -8.75 -20.57
C ALA A 252 -0.31 -9.23 -20.35
N ALA A 253 0.43 -9.35 -21.45
CA ALA A 253 1.82 -9.83 -21.35
C ALA A 253 2.76 -8.98 -20.50
N TYR A 254 2.50 -7.69 -20.33
CA TYR A 254 3.40 -6.82 -19.54
C TYR A 254 2.89 -6.59 -18.10
N VAL A 255 1.76 -7.22 -17.77
CA VAL A 255 1.22 -7.19 -16.45
C VAL A 255 1.70 -8.38 -15.71
N THR A 256 2.47 -8.15 -14.65
CA THR A 256 2.87 -9.25 -13.79
C THR A 256 3.18 -8.74 -12.37
N GLY A 257 2.96 -9.60 -11.37
CA GLY A 257 3.08 -9.27 -9.97
C GLY A 257 1.95 -8.47 -9.41
N ALA A 258 0.89 -8.33 -10.20
CA ALA A 258 -0.23 -7.45 -9.85
C ALA A 258 -1.34 -8.23 -9.19
N THR A 259 -2.03 -7.54 -8.27
CA THR A 259 -3.26 -7.99 -7.70
C THR A 259 -4.34 -7.01 -8.08
N VAL A 260 -5.29 -7.46 -8.89
CA VAL A 260 -6.37 -6.63 -9.37
C VAL A 260 -7.60 -6.82 -8.52
N PRO A 261 -8.01 -5.76 -7.85
CA PRO A 261 -9.18 -5.90 -6.97
C PRO A 261 -10.44 -5.78 -7.81
N VAL A 262 -11.40 -6.67 -7.56
CA VAL A 262 -12.64 -6.70 -8.27
C VAL A 262 -13.71 -6.70 -7.20
N ASN A 263 -14.02 -5.49 -6.71
CA ASN A 263 -14.82 -5.36 -5.48
C ASN A 263 -15.84 -4.24 -5.52
N GLY A 264 -16.14 -3.70 -6.69
CA GLY A 264 -17.16 -2.65 -6.75
C GLY A 264 -16.85 -1.38 -5.98
N GLY A 265 -15.59 -1.20 -5.62
CA GLY A 265 -15.12 -0.05 -4.89
C GLY A 265 -15.01 -0.22 -3.39
N MET A 266 -15.30 -1.40 -2.88
CA MET A 266 -15.22 -1.66 -1.42
C MET A 266 -13.86 -2.16 -1.05
N TYR A 267 -13.05 -1.35 -0.39
CA TYR A 267 -11.70 -1.81 -0.01
C TYR A 267 -11.57 -2.06 1.50
N MET A 268 -11.27 -3.31 1.85
CA MET A 268 -11.13 -3.75 3.22
C MET A 268 -9.66 -4.13 3.45
N SER A 269 -9.02 -3.54 4.46
CA SER A 269 -7.59 -3.77 4.72
C SER A 269 -7.38 -4.17 6.18
N SER B 24 10.23 4.76 31.48
CA SER B 24 10.90 3.78 32.39
C SER B 24 10.33 2.36 32.17
N LEU B 25 11.19 1.42 31.81
CA LEU B 25 10.78 0.00 31.71
C LEU B 25 11.20 -0.73 33.01
N GLN B 26 11.49 0.04 34.05
CA GLN B 26 11.77 -0.53 35.39
C GLN B 26 10.73 -1.56 35.76
N GLY B 27 11.16 -2.73 36.16
CA GLY B 27 10.27 -3.79 36.57
C GLY B 27 9.80 -4.72 35.46
N LYS B 28 10.14 -4.42 34.22
CA LYS B 28 9.80 -5.33 33.12
C LYS B 28 10.96 -6.22 32.76
N VAL B 29 10.60 -7.40 32.30
CA VAL B 29 11.51 -8.37 31.77
C VAL B 29 11.30 -8.39 30.25
N ALA B 30 12.41 -8.25 29.55
CA ALA B 30 12.44 -8.15 28.13
C ALA B 30 13.28 -9.30 27.57
N LEU B 31 12.74 -10.01 26.59
CA LEU B 31 13.43 -11.04 25.87
C LEU B 31 13.77 -10.48 24.50
N VAL B 32 15.06 -10.54 24.15
CA VAL B 32 15.51 -10.10 22.83
C VAL B 32 16.27 -11.21 22.14
N THR B 33 15.71 -11.75 21.05
CA THR B 33 16.34 -12.84 20.30
C THR B 33 17.38 -12.27 19.34
N GLY B 34 18.45 -13.01 19.10
CA GLY B 34 19.50 -12.53 18.23
C GLY B 34 20.22 -11.32 18.80
N ALA B 35 20.56 -11.35 20.10
CA ALA B 35 21.14 -10.20 20.80
C ALA B 35 22.67 -10.12 20.87
N SER B 36 23.38 -10.98 20.14
CA SER B 36 24.82 -11.05 20.33
C SER B 36 25.59 -10.01 19.51
N ARG B 37 24.95 -9.37 18.53
CA ARG B 37 25.66 -8.32 17.77
CA ARG B 37 25.62 -8.32 17.77
C ARG B 37 24.67 -7.33 17.13
N GLY B 38 25.23 -6.25 16.60
CA GLY B 38 24.54 -5.30 15.76
C GLY B 38 23.19 -4.85 16.35
N ILE B 39 22.13 -5.02 15.59
CA ILE B 39 20.85 -4.45 15.91
C ILE B 39 20.26 -5.09 17.21
N GLY B 40 20.33 -6.41 17.30
CA GLY B 40 19.87 -7.12 18.49
C GLY B 40 20.58 -6.66 19.75
N GLN B 41 21.90 -6.54 19.68
CA GLN B 41 22.70 -6.08 20.84
C GLN B 41 22.33 -4.66 21.20
N ALA B 42 22.18 -3.77 20.21
CA ALA B 42 21.87 -2.37 20.50
C ALA B 42 20.48 -2.27 21.14
N ILE B 43 19.57 -3.13 20.71
CA ILE B 43 18.26 -3.15 21.33
C ILE B 43 18.34 -3.62 22.80
N ALA B 44 19.11 -4.67 23.06
CA ALA B 44 19.24 -5.22 24.42
C ALA B 44 19.76 -4.14 25.33
N LEU B 45 20.74 -3.36 24.86
CA LEU B 45 21.30 -2.29 25.67
C LEU B 45 20.34 -1.14 25.85
N GLU B 46 19.55 -0.84 24.82
CA GLU B 46 18.60 0.27 24.92
C GLU B 46 17.53 -0.09 25.93
N LEU B 47 17.05 -1.31 25.90
CA LEU B 47 16.05 -1.70 26.88
C LEU B 47 16.64 -1.74 28.28
N GLY B 48 17.90 -2.14 28.42
CA GLY B 48 18.52 -2.19 29.72
C GLY B 48 18.78 -0.80 30.30
N ARG B 49 19.20 0.12 29.44
CA ARG B 49 19.36 1.52 29.78
C ARG B 49 18.02 2.10 30.25
N LEU B 50 16.90 1.67 29.66
CA LEU B 50 15.57 2.14 30.08
C LEU B 50 15.06 1.45 31.35
N GLY B 51 15.86 0.55 31.93
CA GLY B 51 15.56 -0.09 33.24
C GLY B 51 15.02 -1.52 33.21
N ALA B 52 14.81 -2.09 32.03
CA ALA B 52 14.37 -3.48 31.93
C ALA B 52 15.45 -4.43 32.39
N VAL B 53 15.03 -5.58 32.91
CA VAL B 53 15.84 -6.76 33.00
C VAL B 53 15.82 -7.48 31.65
N VAL B 54 16.99 -7.77 31.09
CA VAL B 54 17.06 -8.22 29.69
C VAL B 54 17.62 -9.61 29.53
N ILE B 55 16.88 -10.49 28.87
CA ILE B 55 17.38 -11.75 28.46
C ILE B 55 17.64 -11.65 26.96
N GLY B 56 18.92 -11.75 26.61
CA GLY B 56 19.32 -11.78 25.21
C GLY B 56 19.59 -13.23 24.84
N THR B 57 19.24 -13.61 23.60
CA THR B 57 19.51 -14.94 23.14
C THR B 57 20.45 -15.01 21.93
N ALA B 58 21.09 -16.16 21.79
CA ALA B 58 21.91 -16.52 20.65
C ALA B 58 21.75 -18.00 20.43
N THR B 59 22.23 -18.48 19.28
CA THR B 59 22.03 -19.88 18.87
C THR B 59 23.16 -20.79 19.34
N SER B 60 24.27 -20.20 19.74
CA SER B 60 25.40 -20.92 20.31
C SER B 60 25.68 -20.49 21.73
N ALA B 61 26.40 -21.34 22.46
CA ALA B 61 26.82 -21.05 23.84
C ALA B 61 27.81 -19.89 23.94
N SER B 62 28.64 -19.69 22.93
CA SER B 62 29.58 -18.57 22.98
C SER B 62 28.83 -17.24 22.81
N GLY B 63 27.84 -17.22 21.90
CA GLY B 63 26.95 -16.06 21.75
C GLY B 63 26.22 -15.73 23.04
N ALA B 64 25.66 -16.75 23.69
CA ALA B 64 24.99 -16.55 24.99
C ALA B 64 25.91 -15.95 26.02
N GLU B 65 27.15 -16.40 26.02
CA GLU B 65 28.12 -15.96 27.04
C GLU B 65 28.57 -14.54 26.73
N LYS B 66 28.74 -14.25 25.46
CA LYS B 66 29.11 -12.92 25.04
C LYS B 66 28.02 -11.92 25.42
N ILE B 67 26.78 -12.33 25.24
CA ILE B 67 25.68 -11.46 25.59
C ILE B 67 25.77 -11.11 27.11
N ALA B 68 25.99 -12.13 27.95
CA ALA B 68 26.01 -11.92 29.39
C ALA B 68 27.12 -10.93 29.77
N GLU B 69 28.29 -11.12 29.18
CA GLU B 69 29.38 -10.17 29.32
C GLU B 69 29.10 -8.74 28.83
N THR B 70 28.47 -8.59 27.66
CA THR B 70 28.07 -7.26 27.17
C THR B 70 27.09 -6.58 28.18
N LEU B 71 26.10 -7.32 28.62
CA LEU B 71 25.15 -6.77 29.57
C LEU B 71 25.89 -6.30 30.84
N LYS B 72 26.73 -7.16 31.38
CA LYS B 72 27.49 -6.83 32.60
C LYS B 72 28.30 -5.56 32.41
N ALA B 73 29.12 -5.53 31.37
CA ALA B 73 29.97 -4.38 31.09
C ALA B 73 29.17 -3.09 31.03
N ASN B 74 27.89 -3.18 30.70
CA ASN B 74 27.03 -1.99 30.62
C ASN B 74 26.13 -1.75 31.80
N GLY B 75 26.27 -2.52 32.85
CA GLY B 75 25.43 -2.36 34.04
C GLY B 75 23.99 -2.81 33.88
N VAL B 76 23.73 -3.72 32.93
CA VAL B 76 22.38 -4.22 32.71
C VAL B 76 22.23 -5.56 33.42
N GLU B 77 21.23 -5.68 34.28
CA GLU B 77 20.85 -6.96 34.89
C GLU B 77 20.10 -7.81 33.85
N GLY B 78 20.26 -9.14 33.92
CA GLY B 78 19.65 -10.04 32.95
C GLY B 78 20.45 -11.31 32.74
N ALA B 79 20.46 -11.79 31.50
CA ALA B 79 21.09 -13.04 31.15
C ALA B 79 21.20 -13.26 29.66
N GLY B 80 22.18 -14.09 29.27
CA GLY B 80 22.34 -14.55 27.93
C GLY B 80 21.99 -16.02 27.89
N LEU B 81 21.14 -16.44 26.94
CA LEU B 81 20.78 -17.84 26.79
C LEU B 81 20.81 -18.31 25.37
N VAL B 82 20.80 -19.63 25.22
CA VAL B 82 20.76 -20.24 23.92
C VAL B 82 19.32 -20.51 23.54
N LEU B 83 18.96 -20.13 22.33
CA LEU B 83 17.62 -20.34 21.82
C LEU B 83 17.65 -20.53 20.31
N ASP B 84 16.88 -21.49 19.84
CA ASP B 84 16.69 -21.74 18.42
C ASP B 84 15.20 -21.53 18.15
N VAL B 85 14.86 -20.43 17.48
CA VAL B 85 13.45 -20.07 17.29
C VAL B 85 12.73 -21.03 16.34
N SER B 86 13.46 -21.83 15.58
CA SER B 86 12.82 -22.82 14.67
C SER B 86 12.42 -24.15 15.34
N SER B 87 12.64 -24.27 16.64
CA SER B 87 12.37 -25.50 17.37
C SER B 87 11.36 -25.30 18.52
N ASP B 88 10.24 -26.02 18.49
CA ASP B 88 9.26 -25.94 19.58
C ASP B 88 9.85 -26.30 20.90
N GLU B 89 10.73 -27.28 20.89
CA GLU B 89 11.33 -27.76 22.11
C GLU B 89 12.21 -26.67 22.72
N SER B 90 13.10 -26.11 21.92
CA SER B 90 14.00 -25.06 22.41
C SER B 90 13.24 -23.86 22.96
N VAL B 91 12.20 -23.47 22.22
CA VAL B 91 11.37 -22.35 22.65
C VAL B 91 10.71 -22.61 24.01
N ALA B 92 9.97 -23.71 24.10
CA ALA B 92 9.28 -24.07 25.35
C ALA B 92 10.26 -24.17 26.52
N ALA B 93 11.42 -24.74 26.28
CA ALA B 93 12.41 -24.95 27.31
C ALA B 93 12.98 -23.63 27.78
N THR B 94 13.34 -22.79 26.83
CA THR B 94 13.92 -21.49 27.18
C THR B 94 12.90 -20.67 27.99
N LEU B 95 11.66 -20.64 27.52
CA LEU B 95 10.66 -19.84 28.24
CA LEU B 95 10.66 -19.84 28.23
C LEU B 95 10.49 -20.35 29.65
N GLU B 96 10.46 -21.68 29.81
CA GLU B 96 10.34 -22.28 31.14
C GLU B 96 11.50 -21.85 32.03
N HIS B 97 12.70 -21.95 31.50
CA HIS B 97 13.87 -21.52 32.24
C HIS B 97 13.80 -20.02 32.68
N ILE B 98 13.32 -19.15 31.79
CA ILE B 98 13.18 -17.72 32.11
C ILE B 98 12.15 -17.53 33.22
N GLN B 99 11.01 -18.21 33.08
CA GLN B 99 9.95 -18.17 34.09
C GLN B 99 10.47 -18.56 35.46
N GLN B 100 11.14 -19.70 35.53
CA GLN B 100 11.67 -20.20 36.79
C GLN B 100 12.59 -19.20 37.43
N HIS B 101 13.54 -18.71 36.66
CA HIS B 101 14.62 -17.92 37.21
C HIS B 101 14.31 -16.40 37.33
N LEU B 102 13.51 -15.81 36.45
CA LEU B 102 13.33 -14.33 36.44
C LEU B 102 11.91 -13.82 36.40
N GLY B 103 11.00 -14.61 35.86
CA GLY B 103 9.61 -14.19 35.70
C GLY B 103 9.24 -14.20 34.24
N GLN B 104 8.00 -13.82 33.94
CA GLN B 104 7.57 -13.77 32.55
C GLN B 104 8.02 -12.53 31.76
N PRO B 105 8.59 -12.78 30.58
CA PRO B 105 8.90 -11.67 29.66
C PRO B 105 7.65 -11.03 29.06
N LEU B 106 7.43 -9.77 29.35
CA LEU B 106 6.30 -9.03 28.81
C LEU B 106 6.68 -8.11 27.68
N ILE B 107 7.96 -8.02 27.38
CA ILE B 107 8.43 -7.31 26.17
C ILE B 107 9.25 -8.34 25.40
N VAL B 108 8.85 -8.67 24.18
CA VAL B 108 9.57 -9.63 23.39
C VAL B 108 9.89 -8.99 22.06
N VAL B 109 11.18 -8.99 21.72
CA VAL B 109 11.68 -8.46 20.49
C VAL B 109 12.29 -9.58 19.64
N ASN B 110 11.67 -9.85 18.50
CA ASN B 110 12.06 -10.92 17.65
C ASN B 110 13.00 -10.34 16.63
N ASN B 111 14.28 -10.66 16.74
CA ASN B 111 15.28 -10.21 15.83
C ASN B 111 16.07 -11.34 15.20
N ALA B 112 15.65 -12.57 15.42
CA ALA B 112 16.40 -13.73 14.96
C ALA B 112 15.78 -14.20 13.65
N GLY B 113 16.57 -14.86 12.78
CA GLY B 113 16.16 -15.13 11.36
C GLY B 113 16.94 -16.23 10.60
N ASP B 126 13.45 -21.54 -5.41
CA ASP B 126 12.87 -22.21 -4.24
C ASP B 126 13.13 -21.47 -2.88
N GLU B 127 14.22 -20.71 -2.78
CA GLU B 127 14.68 -20.27 -1.47
C GLU B 127 13.90 -19.07 -0.93
N TRP B 128 13.53 -18.15 -1.81
CA TRP B 128 12.72 -16.99 -1.42
C TRP B 128 11.46 -17.43 -0.64
N PHE B 129 10.85 -18.54 -1.05
CA PHE B 129 9.65 -19.02 -0.38
C PHE B 129 9.93 -19.64 0.98
N ASP B 130 10.91 -20.52 1.02
CA ASP B 130 11.26 -21.22 2.24
C ASP B 130 11.75 -20.24 3.32
N VAL B 131 12.52 -19.23 2.92
CA VAL B 131 13.00 -18.24 3.89
C VAL B 131 11.84 -17.54 4.62
N VAL B 132 10.90 -17.00 3.85
CA VAL B 132 9.78 -16.26 4.42
C VAL B 132 8.92 -17.22 5.22
N ASN B 133 8.67 -18.39 4.66
CA ASN B 133 7.84 -19.38 5.33
C ASN B 133 8.39 -19.80 6.71
N THR B 134 9.71 -19.95 6.76
CA THR B 134 10.39 -20.34 7.95
C THR B 134 10.40 -19.22 8.97
N ASN B 135 10.69 -18.00 8.52
CA ASN B 135 10.70 -16.89 9.44
C ASN B 135 9.33 -16.58 10.02
N LEU B 136 8.27 -16.71 9.23
CA LEU B 136 6.96 -16.40 9.81
C LEU B 136 6.53 -17.49 10.76
N ASN B 137 6.84 -18.74 10.43
CA ASN B 137 6.52 -19.85 11.32
C ASN B 137 7.27 -19.72 12.64
N SER B 138 8.45 -19.13 12.63
CA SER B 138 9.18 -18.83 13.89
C SER B 138 8.62 -17.68 14.67
N LEU B 139 8.26 -16.58 14.00
CA LEU B 139 7.62 -15.50 14.71
C LEU B 139 6.37 -16.01 15.43
N TYR B 140 5.56 -16.80 14.72
CA TYR B 140 4.33 -17.35 15.28
C TYR B 140 4.59 -18.23 16.48
N ARG B 141 5.57 -19.11 16.33
CA ARG B 141 5.93 -20.02 17.39
C ARG B 141 6.39 -19.24 18.63
N LEU B 142 7.29 -18.28 18.49
CA LEU B 142 7.73 -17.57 19.68
C LEU B 142 6.58 -16.79 20.28
N SER B 143 5.85 -16.10 19.43
CA SER B 143 4.79 -15.21 19.85
C SER B 143 3.71 -15.92 20.66
N LYS B 144 3.20 -17.03 20.13
CA LYS B 144 2.23 -17.84 20.80
C LYS B 144 2.73 -18.32 22.17
N ALA B 145 4.01 -18.67 22.25
CA ALA B 145 4.52 -19.15 23.52
C ALA B 145 4.57 -18.01 24.57
N VAL B 146 4.90 -16.77 24.17
CA VAL B 146 5.01 -15.68 25.14
C VAL B 146 3.68 -15.01 25.50
N LEU B 147 2.65 -15.27 24.71
CA LEU B 147 1.34 -14.67 24.92
C LEU B 147 0.66 -15.06 26.19
N ARG B 148 0.96 -16.25 26.69
CA ARG B 148 0.33 -16.66 27.95
C ARG B 148 0.77 -15.79 29.09
N GLY B 149 2.06 -15.56 29.20
CA GLY B 149 2.54 -14.63 30.25
C GLY B 149 1.92 -13.26 30.13
N MET B 150 1.72 -12.80 28.88
CA MET B 150 1.28 -11.43 28.66
C MET B 150 -0.21 -11.32 28.93
N THR B 151 -0.95 -12.32 28.51
CA THR B 151 -2.36 -12.43 28.83
C THR B 151 -2.59 -12.40 30.37
N LYS B 152 -1.86 -13.22 31.11
CA LYS B 152 -1.99 -13.24 32.59
C LYS B 152 -1.76 -11.84 33.13
N ALA B 153 -0.80 -11.14 32.57
CA ALA B 153 -0.47 -9.80 33.05
C ALA B 153 -1.34 -8.70 32.47
N ARG B 154 -2.16 -9.01 31.48
CA ARG B 154 -2.96 -7.99 30.77
C ARG B 154 -2.15 -6.82 30.24
N TRP B 155 -0.97 -7.15 29.69
CA TRP B 155 -0.07 -6.16 29.21
C TRP B 155 1.02 -6.84 28.40
N GLY B 156 1.45 -6.22 27.32
CA GLY B 156 2.51 -6.82 26.56
C GLY B 156 2.96 -5.99 25.39
N ARG B 157 4.17 -6.31 24.94
CA ARG B 157 4.75 -5.71 23.77
C ARG B 157 5.48 -6.75 22.98
N ILE B 158 5.02 -7.01 21.76
CA ILE B 158 5.73 -7.81 20.83
C ILE B 158 6.19 -6.89 19.70
N ILE B 159 7.50 -6.94 19.43
CA ILE B 159 8.11 -6.12 18.41
C ILE B 159 8.98 -7.01 17.50
N ASN B 160 8.63 -7.06 16.23
CA ASN B 160 9.30 -7.88 15.25
C ASN B 160 10.27 -7.04 14.44
N ILE B 161 11.49 -7.48 14.28
CA ILE B 161 12.45 -6.74 13.55
C ILE B 161 12.61 -7.32 12.17
N GLY B 162 12.45 -6.51 11.14
CA GLY B 162 12.65 -6.98 9.76
C GLY B 162 14.12 -7.09 9.49
N SER B 163 14.47 -7.57 8.31
CA SER B 163 15.87 -7.74 7.93
C SER B 163 16.39 -6.50 7.20
N VAL B 164 17.69 -6.29 7.30
CA VAL B 164 18.41 -5.18 6.73
C VAL B 164 18.61 -5.43 5.23
N VAL B 165 18.58 -4.36 4.44
CA VAL B 165 18.94 -4.46 3.01
C VAL B 165 20.46 -4.71 2.80
N ALA B 171 17.00 -10.14 -7.09
CA ALA B 171 17.36 -11.26 -6.23
C ALA B 171 17.29 -10.83 -4.76
N GLY B 172 18.20 -9.96 -4.34
CA GLY B 172 18.17 -9.37 -3.01
C GLY B 172 16.92 -8.54 -2.80
N GLN B 173 16.52 -7.83 -3.86
CA GLN B 173 15.32 -7.01 -3.80
C GLN B 173 14.06 -7.82 -3.61
N THR B 174 14.00 -8.98 -4.27
CA THR B 174 12.84 -9.84 -4.23
C THR B 174 12.68 -10.41 -2.85
N ASN B 175 13.77 -10.96 -2.34
CA ASN B 175 13.80 -11.55 -1.01
C ASN B 175 13.40 -10.51 0.03
N TYR B 176 13.98 -9.31 -0.08
CA TYR B 176 13.76 -8.25 0.88
C TYR B 176 12.31 -7.79 0.87
N ALA B 177 11.76 -7.61 -0.33
CA ALA B 177 10.41 -7.13 -0.45
C ALA B 177 9.43 -8.19 0.08
N ALA B 178 9.70 -9.45 -0.25
CA ALA B 178 8.86 -10.54 0.17
C ALA B 178 8.85 -10.67 1.72
N ALA B 179 10.02 -10.65 2.34
CA ALA B 179 10.12 -10.78 3.79
C ALA B 179 9.42 -9.59 4.46
N LYS B 180 9.54 -8.41 3.86
CA LYS B 180 8.92 -7.24 4.40
C LYS B 180 7.39 -7.30 4.31
N ALA B 181 6.87 -7.72 3.14
CA ALA B 181 5.40 -7.81 2.95
C ALA B 181 4.83 -8.86 3.92
N GLY B 182 5.53 -9.97 4.08
CA GLY B 182 5.07 -11.02 4.96
C GLY B 182 5.07 -10.53 6.39
N LEU B 183 6.11 -9.80 6.77
CA LEU B 183 6.19 -9.30 8.15
C LEU B 183 5.07 -8.29 8.44
N GLU B 184 4.82 -7.38 7.51
CA GLU B 184 3.79 -6.38 7.76
C GLU B 184 2.44 -7.02 7.97
N GLY B 185 2.10 -7.98 7.12
CA GLY B 185 0.76 -8.56 7.13
C GLY B 185 0.61 -9.42 8.37
N PHE B 186 1.66 -10.15 8.66
CA PHE B 186 1.65 -10.98 9.81
C PHE B 186 1.49 -10.17 11.09
N THR B 187 2.20 -9.06 11.17
CA THR B 187 2.22 -8.20 12.38
C THR B 187 0.84 -7.63 12.59
N ARG B 188 0.20 -7.24 11.50
CA ARG B 188 -1.11 -6.68 11.58
C ARG B 188 -2.17 -7.73 12.03
N ALA B 189 -2.08 -8.93 11.49
CA ALA B 189 -3.01 -9.97 11.81
C ALA B 189 -2.85 -10.37 13.30
N LEU B 190 -1.64 -10.50 13.76
CA LEU B 190 -1.46 -10.88 15.16
C LEU B 190 -1.95 -9.78 16.09
N ALA B 191 -1.66 -8.55 15.72
CA ALA B 191 -2.15 -7.42 16.45
C ALA B 191 -3.62 -7.50 16.71
N ARG B 192 -4.38 -7.82 15.66
CA ARG B 192 -5.81 -8.02 15.73
C ARG B 192 -6.23 -9.11 16.68
N GLU B 193 -5.51 -10.23 16.67
CA GLU B 193 -5.84 -11.35 17.50
C GLU B 193 -5.66 -11.07 18.99
N VAL B 194 -4.67 -10.29 19.36
CA VAL B 194 -4.35 -10.14 20.79
C VAL B 194 -4.67 -8.78 21.39
N GLY B 195 -5.20 -7.89 20.56
CA GLY B 195 -5.44 -6.52 20.99
C GLY B 195 -6.32 -6.40 22.22
N SER B 196 -7.37 -7.22 22.35
CA SER B 196 -8.28 -7.07 23.49
C SER B 196 -7.54 -7.18 24.86
N ARG B 197 -6.38 -7.79 24.85
CA ARG B 197 -5.62 -8.07 26.03
C ARG B 197 -4.59 -7.01 26.40
N ALA B 198 -4.68 -5.82 25.78
CA ALA B 198 -3.74 -4.74 25.98
C ALA B 198 -2.29 -5.18 25.66
N ILE B 199 -2.19 -6.03 24.64
CA ILE B 199 -0.94 -6.42 24.07
C ILE B 199 -0.80 -5.74 22.72
N THR B 200 0.27 -4.98 22.49
CA THR B 200 0.56 -4.42 21.14
C THR B 200 1.57 -5.27 20.40
N VAL B 201 1.38 -5.34 19.08
CA VAL B 201 2.23 -6.05 18.19
C VAL B 201 2.62 -5.15 17.01
N ASN B 202 3.91 -4.89 16.87
CA ASN B 202 4.40 -3.96 15.89
C ASN B 202 5.71 -4.50 15.31
N ALA B 203 6.11 -3.92 14.18
CA ALA B 203 7.30 -4.27 13.55
C ALA B 203 8.11 -3.01 13.22
N VAL B 204 9.38 -3.23 13.01
CA VAL B 204 10.29 -2.24 12.56
C VAL B 204 11.02 -2.78 11.37
N ALA B 205 11.03 -2.00 10.31
CA ALA B 205 11.53 -2.44 9.00
C ALA B 205 12.76 -1.61 8.64
N PRO B 206 13.94 -2.15 8.90
CA PRO B 206 15.13 -1.34 8.68
C PRO B 206 15.45 -1.26 7.23
N GLY B 207 16.19 -0.20 6.91
CA GLY B 207 16.76 0.00 5.62
C GLY B 207 18.21 -0.43 5.67
N PHE B 208 19.07 0.41 5.12
CA PHE B 208 20.49 0.15 5.04
C PHE B 208 21.09 0.62 6.35
N ILE B 209 21.50 -0.32 7.18
CA ILE B 209 21.99 -0.04 8.52
C ILE B 209 23.40 -0.53 8.59
N ASP B 210 24.25 0.22 9.25
CA ASP B 210 25.63 -0.12 9.43
C ASP B 210 25.80 -1.35 10.37
N THR B 211 26.03 -2.54 9.82
CA THR B 211 26.30 -3.76 10.61
C THR B 211 27.40 -4.60 9.97
N ASP B 212 27.65 -5.78 10.56
CA ASP B 212 28.67 -6.71 10.07
C ASP B 212 28.49 -7.05 8.62
N MET B 213 27.27 -7.39 8.23
CA MET B 213 27.02 -7.66 6.81
C MET B 213 27.28 -6.48 5.88
N THR B 214 26.95 -5.27 6.32
CA THR B 214 27.02 -4.10 5.43
C THR B 214 28.40 -3.44 5.39
N ARG B 215 29.17 -3.61 6.46
CA ARG B 215 30.53 -3.10 6.51
C ARG B 215 31.50 -3.65 5.46
N GLU B 216 31.22 -4.85 4.97
CA GLU B 216 32.13 -5.51 4.05
C GLU B 216 31.60 -5.47 2.60
N LEU B 217 30.43 -4.88 2.35
CA LEU B 217 29.92 -4.73 0.97
C LEU B 217 30.86 -3.96 0.05
N PRO B 218 30.98 -4.41 -1.21
CA PRO B 218 31.82 -3.68 -2.18
C PRO B 218 31.39 -2.24 -2.32
N GLU B 219 32.35 -1.36 -2.60
CA GLU B 219 32.07 0.06 -2.65
C GLU B 219 30.97 0.37 -3.66
N ALA B 220 31.07 -0.19 -4.86
CA ALA B 220 30.07 0.04 -5.90
C ALA B 220 28.64 -0.08 -5.34
N GLN B 221 28.39 -1.18 -4.64
CA GLN B 221 27.10 -1.48 -4.06
C GLN B 221 26.71 -0.51 -2.95
N ARG B 222 27.67 -0.13 -2.10
CA ARG B 222 27.45 0.86 -1.07
C ARG B 222 27.19 2.27 -1.65
N GLU B 223 27.91 2.69 -2.67
CA GLU B 223 27.62 4.02 -3.28
C GLU B 223 26.30 4.06 -4.07
N ALA B 224 25.94 2.94 -4.68
CA ALA B 224 24.63 2.88 -5.37
C ALA B 224 23.50 3.02 -4.36
N LEU B 225 23.68 2.39 -3.20
CA LEU B 225 22.67 2.32 -2.18
C LEU B 225 22.47 3.69 -1.55
N LEU B 226 23.58 4.36 -1.15
CA LEU B 226 23.58 5.72 -0.64
C LEU B 226 22.90 6.70 -1.54
N GLY B 227 23.08 6.52 -2.84
CA GLY B 227 22.45 7.44 -3.80
C GLY B 227 20.93 7.34 -3.82
N GLN B 228 20.40 6.25 -3.30
CA GLN B 228 18.94 6.08 -3.18
C GLN B 228 18.35 6.43 -1.83
N ILE B 229 19.19 6.85 -0.89
CA ILE B 229 18.79 7.16 0.47
C ILE B 229 18.80 8.65 0.61
N PRO B 230 17.62 9.27 0.78
CA PRO B 230 17.57 10.72 0.89
C PRO B 230 18.45 11.29 2.00
N LEU B 231 18.54 10.64 3.16
CA LEU B 231 19.47 11.16 4.24
C LEU B 231 20.93 10.98 3.85
N GLY B 232 21.23 10.24 2.78
CA GLY B 232 22.60 10.17 2.25
C GLY B 232 23.56 9.45 3.18
N ARG B 233 23.07 8.59 4.06
CA ARG B 233 23.93 7.79 4.93
C ARG B 233 23.23 6.51 5.35
N LEU B 234 24.02 5.63 5.94
CA LEU B 234 23.55 4.42 6.55
C LEU B 234 22.96 4.78 7.88
N GLY B 235 22.01 3.98 8.35
CA GLY B 235 21.52 4.13 9.73
C GLY B 235 22.43 3.42 10.73
N GLN B 236 22.44 3.88 11.96
CA GLN B 236 23.14 3.19 13.06
C GLN B 236 22.19 2.21 13.75
N ALA B 237 22.76 1.15 14.28
CA ALA B 237 21.99 0.15 14.99
C ALA B 237 21.20 0.81 16.11
N GLU B 238 21.79 1.82 16.77
CA GLU B 238 21.18 2.56 17.88
C GLU B 238 19.89 3.28 17.44
N GLU B 239 19.79 3.61 16.14
CA GLU B 239 18.62 4.26 15.59
C GLU B 239 17.45 3.28 15.40
N ILE B 240 17.71 2.00 15.18
CA ILE B 240 16.65 1.01 15.22
C ILE B 240 16.25 0.80 16.69
N ALA B 241 17.26 0.71 17.56
CA ALA B 241 16.99 0.45 19.01
C ALA B 241 16.10 1.49 19.63
N LYS B 242 16.32 2.75 19.28
CA LYS B 242 15.51 3.83 19.84
C LYS B 242 14.02 3.68 19.47
N VAL B 243 13.75 3.27 18.23
CA VAL B 243 12.39 3.04 17.75
C VAL B 243 11.77 1.90 18.55
N VAL B 244 12.52 0.85 18.76
CA VAL B 244 12.05 -0.27 19.57
C VAL B 244 11.77 0.20 21.01
N GLY B 245 12.69 0.97 21.57
CA GLY B 245 12.52 1.48 22.93
C GLY B 245 11.24 2.30 23.08
N PHE B 246 10.96 3.16 22.13
CA PHE B 246 9.68 3.85 22.10
C PHE B 246 8.46 2.92 21.97
N LEU B 247 8.51 1.92 21.09
CA LEU B 247 7.35 1.05 20.91
C LEU B 247 7.08 0.22 22.17
N ALA B 248 8.12 -0.07 22.94
CA ALA B 248 8.00 -0.80 24.19
C ALA B 248 7.46 -0.01 25.36
N SER B 249 7.37 1.31 25.20
CA SER B 249 6.93 2.16 26.27
C SER B 249 5.40 2.26 26.35
N ASP B 250 4.96 2.85 27.47
CA ASP B 250 3.55 3.11 27.68
C ASP B 250 3.04 4.19 26.74
N GLY B 251 3.90 5.12 26.35
CA GLY B 251 3.50 6.10 25.39
C GLY B 251 3.02 5.54 24.03
N ALA B 252 3.44 4.34 23.63
CA ALA B 252 3.04 3.68 22.36
C ALA B 252 1.89 2.71 22.52
N ALA B 253 1.16 2.87 23.63
CA ALA B 253 0.09 1.92 23.94
C ALA B 253 -1.03 1.86 22.89
N TYR B 254 -1.21 2.88 22.05
CA TYR B 254 -2.29 2.87 21.04
C TYR B 254 -1.77 2.54 19.64
N VAL B 255 -0.48 2.26 19.56
CA VAL B 255 0.14 1.88 18.33
C VAL B 255 0.14 0.36 18.31
N THR B 256 -0.59 -0.23 17.37
CA THR B 256 -0.52 -1.67 17.19
C THR B 256 -0.90 -2.07 15.75
N GLY B 257 -0.23 -3.11 15.25
CA GLY B 257 -0.35 -3.61 13.93
C GLY B 257 0.46 -2.84 12.94
N ALA B 258 1.32 -1.98 13.45
CA ALA B 258 2.10 -1.07 12.61
C ALA B 258 3.45 -1.65 12.29
N THR B 259 3.92 -1.34 11.09
CA THR B 259 5.31 -1.52 10.69
C THR B 259 5.93 -0.12 10.47
N VAL B 260 6.88 0.23 11.32
CA VAL B 260 7.58 1.51 11.24
C VAL B 260 8.87 1.35 10.45
N PRO B 261 8.95 2.04 9.31
CA PRO B 261 10.13 1.91 8.51
C PRO B 261 11.19 2.83 9.03
N VAL B 262 12.41 2.32 9.13
CA VAL B 262 13.55 3.11 9.64
C VAL B 262 14.65 3.00 8.60
N ASN B 263 14.53 3.83 7.54
CA ASN B 263 15.29 3.64 6.32
C ASN B 263 15.78 4.89 5.70
N GLY B 264 15.78 5.98 6.43
CA GLY B 264 16.31 7.22 5.90
C GLY B 264 15.63 7.70 4.62
N GLY B 265 14.41 7.23 4.37
CA GLY B 265 13.61 7.73 3.29
C GLY B 265 13.68 6.89 2.03
N MET B 266 14.39 5.76 2.07
CA MET B 266 14.51 4.86 0.96
C MET B 266 13.46 3.78 1.01
N TYR B 267 12.47 3.86 0.13
CA TYR B 267 11.40 2.83 0.12
C TYR B 267 11.45 1.89 -1.08
N MET B 268 11.55 0.60 -0.79
CA MET B 268 11.42 -0.43 -1.82
C MET B 268 10.19 -1.27 -1.56
N SER B 269 9.39 -1.36 -2.62
CA SER B 269 8.16 -2.16 -2.72
C SER B 269 8.39 -3.41 -3.62
N LEU C 18 18.49 29.40 36.29
CA LEU C 18 18.63 28.43 35.16
C LEU C 18 18.09 27.04 35.51
N TYR C 19 17.60 26.35 34.49
CA TYR C 19 16.92 25.10 34.65
C TYR C 19 16.97 24.37 33.34
N PHE C 20 17.81 23.33 33.25
CA PHE C 20 18.00 22.57 32.03
C PHE C 20 17.33 21.21 32.06
N GLN C 21 16.33 21.01 31.21
CA GLN C 21 15.69 19.72 31.15
C GLN C 21 16.55 18.67 30.52
N SER C 22 16.46 17.47 31.08
CA SER C 22 17.15 16.30 30.57
C SER C 22 16.33 15.60 29.51
N MET C 23 15.33 16.29 29.01
CA MET C 23 14.48 15.70 28.01
C MET C 23 14.99 15.87 26.61
N SER C 24 14.39 15.07 25.77
CA SER C 24 14.81 14.97 24.37
C SER C 24 14.88 16.33 23.60
N LEU C 25 14.07 17.35 23.92
CA LEU C 25 14.07 18.59 23.12
C LEU C 25 14.53 19.92 23.78
N GLN C 26 15.24 19.81 24.93
CA GLN C 26 15.88 20.97 25.55
C GLN C 26 16.63 21.79 24.54
N GLY C 27 16.41 23.09 24.53
CA GLY C 27 17.04 24.01 23.58
C GLY C 27 16.40 24.12 22.20
N LYS C 28 15.38 23.30 21.88
CA LYS C 28 14.73 23.44 20.59
C LYS C 28 13.50 24.31 20.68
N VAL C 29 13.19 24.95 19.56
CA VAL C 29 11.96 25.70 19.35
C VAL C 29 11.04 24.91 18.41
N ALA C 30 9.79 24.75 18.84
CA ALA C 30 8.81 23.96 18.20
C ALA C 30 7.61 24.82 17.90
N LEU C 31 7.15 24.74 16.65
CA LEU C 31 5.92 25.37 16.24
C LEU C 31 4.86 24.27 16.07
N VAL C 32 3.72 24.43 16.73
CA VAL C 32 2.58 23.54 16.56
C VAL C 32 1.38 24.30 16.12
N THR C 33 0.90 24.04 14.90
CA THR C 33 -0.30 24.69 14.39
C THR C 33 -1.53 24.03 14.96
N GLY C 34 -2.61 24.81 15.16
CA GLY C 34 -3.90 24.22 15.60
C GLY C 34 -3.77 23.66 17.01
N ALA C 35 -3.13 24.42 17.89
CA ALA C 35 -2.81 23.98 19.22
C ALA C 35 -3.83 24.30 20.35
N SER C 36 -4.99 24.82 20.00
CA SER C 36 -5.88 25.39 21.01
C SER C 36 -6.77 24.32 21.65
N ARG C 37 -6.87 23.12 21.07
CA ARG C 37 -7.61 22.02 21.69
C ARG C 37 -7.19 20.62 21.25
N GLY C 38 -7.72 19.62 21.95
CA GLY C 38 -7.56 18.22 21.60
C GLY C 38 -6.14 17.79 21.24
N ILE C 39 -5.99 17.21 20.07
CA ILE C 39 -4.71 16.65 19.68
C ILE C 39 -3.58 17.72 19.64
N GLY C 40 -3.85 18.85 18.98
CA GLY C 40 -2.87 19.93 18.87
C GLY C 40 -2.39 20.45 20.23
N GLN C 41 -3.33 20.66 21.15
CA GLN C 41 -3.00 21.08 22.50
C GLN C 41 -2.18 20.02 23.20
N ALA C 42 -2.57 18.76 23.07
CA ALA C 42 -1.79 17.68 23.73
C ALA C 42 -0.33 17.55 23.20
N ILE C 43 -0.16 17.81 21.93
CA ILE C 43 1.15 17.85 21.35
C ILE C 43 1.98 18.99 21.89
N ALA C 44 1.35 20.17 22.00
CA ALA C 44 2.08 21.35 22.44
C ALA C 44 2.59 21.06 23.86
N LEU C 45 1.75 20.49 24.70
CA LEU C 45 2.16 20.16 26.11
C LEU C 45 3.20 19.04 26.18
N GLU C 46 3.09 18.03 25.32
CA GLU C 46 4.13 17.02 25.28
C GLU C 46 5.47 17.58 24.87
N LEU C 47 5.50 18.43 23.84
CA LEU C 47 6.76 18.96 23.38
C LEU C 47 7.33 19.87 24.45
N GLY C 48 6.47 20.61 25.14
CA GLY C 48 6.94 21.43 26.25
C GLY C 48 7.47 20.60 27.39
N ARG C 49 6.79 19.51 27.70
CA ARG C 49 7.22 18.60 28.75
C ARG C 49 8.56 17.96 28.40
N LEU C 50 8.83 17.78 27.10
CA LEU C 50 10.14 17.31 26.64
C LEU C 50 11.20 18.41 26.55
N GLY C 51 10.87 19.63 26.97
CA GLY C 51 11.83 20.69 27.14
C GLY C 51 11.90 21.74 26.06
N ALA C 52 11.09 21.58 25.01
CA ALA C 52 11.07 22.54 23.94
C ALA C 52 10.45 23.83 24.41
N VAL C 53 10.90 24.91 23.79
CA VAL C 53 10.11 26.12 23.75
C VAL C 53 9.02 26.00 22.66
N VAL C 54 7.76 26.21 23.01
CA VAL C 54 6.64 25.89 22.13
C VAL C 54 5.85 27.10 21.72
N ILE C 55 5.68 27.26 20.40
CA ILE C 55 4.75 28.23 19.86
C ILE C 55 3.56 27.46 19.33
N GLY C 56 2.42 27.68 19.95
CA GLY C 56 1.17 27.10 19.49
C GLY C 56 0.37 28.16 18.76
N THR C 57 -0.32 27.77 17.69
CA THR C 57 -1.05 28.70 16.89
C THR C 57 -2.52 28.37 16.80
N ALA C 58 -3.29 29.44 16.56
CA ALA C 58 -4.72 29.38 16.30
C ALA C 58 -5.03 30.46 15.30
N THR C 59 -6.24 30.43 14.77
CA THR C 59 -6.64 31.34 13.67
C THR C 59 -7.24 32.62 14.21
N SER C 60 -7.64 32.61 15.46
CA SER C 60 -8.23 33.77 16.10
C SER C 60 -7.37 34.19 17.26
N ALA C 61 -7.54 35.44 17.65
CA ALA C 61 -6.87 36.00 18.81
C ALA C 61 -7.29 35.35 20.13
N SER C 62 -8.53 34.85 20.23
CA SER C 62 -8.93 34.19 21.47
C SER C 62 -8.27 32.81 21.64
N GLY C 63 -8.17 32.07 20.54
CA GLY C 63 -7.41 30.82 20.48
C GLY C 63 -5.96 31.07 20.89
N ALA C 64 -5.34 32.10 20.31
CA ALA C 64 -3.95 32.36 20.63
C ALA C 64 -3.76 32.62 22.11
N GLU C 65 -4.70 33.36 22.70
CA GLU C 65 -4.61 33.77 24.08
C GLU C 65 -4.83 32.53 24.96
N LYS C 66 -5.75 31.67 24.55
CA LYS C 66 -6.01 30.44 25.32
C LYS C 66 -4.79 29.57 25.34
N ILE C 67 -4.13 29.47 24.19
CA ILE C 67 -2.92 28.68 24.09
C ILE C 67 -1.85 29.21 25.06
N ALA C 68 -1.64 30.53 25.09
CA ALA C 68 -0.63 31.16 25.99
C ALA C 68 -0.92 30.85 27.45
N GLU C 69 -2.18 30.96 27.84
CA GLU C 69 -2.63 30.56 29.18
C GLU C 69 -2.39 29.08 29.48
N THR C 70 -2.71 28.19 28.55
CA THR C 70 -2.52 26.75 28.77
C THR C 70 -1.00 26.47 28.98
N LEU C 71 -0.16 27.07 28.16
CA LEU C 71 1.26 26.82 28.25
C LEU C 71 1.76 27.31 29.62
N LYS C 72 1.35 28.52 29.99
CA LYS C 72 1.73 29.09 31.29
C LYS C 72 1.33 28.20 32.44
N ALA C 73 0.05 27.87 32.50
CA ALA C 73 -0.45 27.02 33.54
C ALA C 73 0.35 25.72 33.67
N ASN C 74 0.95 25.25 32.58
CA ASN C 74 1.72 23.98 32.58
C ASN C 74 3.21 24.17 32.66
N GLY C 75 3.68 25.39 32.90
CA GLY C 75 5.09 25.64 33.06
C GLY C 75 5.90 25.54 31.77
N VAL C 76 5.22 25.68 30.62
CA VAL C 76 5.88 25.60 29.32
C VAL C 76 6.19 27.04 28.86
N GLU C 77 7.48 27.30 28.62
CA GLU C 77 7.93 28.50 28.02
C GLU C 77 7.53 28.48 26.54
N GLY C 78 7.17 29.63 26.01
CA GLY C 78 6.66 29.71 24.63
C GLY C 78 5.69 30.86 24.43
N ALA C 79 4.70 30.62 23.57
CA ALA C 79 3.76 31.64 23.17
C ALA C 79 2.59 31.05 22.38
N GLY C 80 1.47 31.76 22.41
CA GLY C 80 0.35 31.51 21.52
C GLY C 80 0.25 32.63 20.49
N LEU C 81 0.14 32.28 19.20
CA LEU C 81 0.02 33.26 18.14
C LEU C 81 -1.07 32.94 17.15
N VAL C 82 -1.45 33.96 16.40
CA VAL C 82 -2.41 33.83 15.34
C VAL C 82 -1.69 33.47 14.08
N LEU C 83 -2.20 32.45 13.40
CA LEU C 83 -1.63 31.99 12.11
C LEU C 83 -2.74 31.41 11.22
N ASP C 84 -2.74 31.82 9.95
CA ASP C 84 -3.65 31.31 8.97
C ASP C 84 -2.80 30.61 7.95
N VAL C 85 -2.82 29.28 7.99
CA VAL C 85 -1.92 28.48 7.14
C VAL C 85 -2.30 28.56 5.65
N SER C 86 -3.47 29.09 5.32
CA SER C 86 -3.87 29.27 3.91
C SER C 86 -3.36 30.57 3.29
N SER C 87 -2.63 31.39 4.05
CA SER C 87 -2.16 32.69 3.57
C SER C 87 -0.62 32.81 3.59
N ASP C 88 0.01 33.04 2.44
CA ASP C 88 1.46 33.21 2.39
C ASP C 88 1.93 34.33 3.30
N GLU C 89 1.16 35.40 3.36
CA GLU C 89 1.54 36.56 4.15
C GLU C 89 1.56 36.22 5.64
N SER C 90 0.50 35.65 6.14
CA SER C 90 0.37 35.30 7.55
C SER C 90 1.47 34.32 7.96
N VAL C 91 1.73 33.34 7.10
CA VAL C 91 2.80 32.40 7.32
C VAL C 91 4.15 33.14 7.47
N ALA C 92 4.54 33.87 6.43
CA ALA C 92 5.85 34.56 6.45
C ALA C 92 5.97 35.46 7.69
N ALA C 93 4.90 36.16 8.02
CA ALA C 93 4.92 37.12 9.13
C ALA C 93 5.09 36.44 10.46
N THR C 94 4.32 35.38 10.65
CA THR C 94 4.38 34.65 11.88
C THR C 94 5.77 34.02 12.07
N LEU C 95 6.32 33.44 11.01
CA LEU C 95 7.65 32.88 11.11
CA LEU C 95 7.67 32.89 11.12
C LEU C 95 8.69 33.95 11.48
N GLU C 96 8.61 35.11 10.86
CA GLU C 96 9.51 36.18 11.20
C GLU C 96 9.42 36.62 12.66
N HIS C 97 8.19 36.80 13.14
CA HIS C 97 7.99 37.15 14.55
C HIS C 97 8.65 36.12 15.45
N ILE C 98 8.48 34.84 15.11
CA ILE C 98 9.04 33.78 15.95
C ILE C 98 10.58 33.82 16.00
N GLN C 99 11.19 34.02 14.85
CA GLN C 99 12.62 34.16 14.74
C GLN C 99 13.15 35.32 15.61
N GLN C 100 12.54 36.47 15.46
CA GLN C 100 12.96 37.66 16.18
C GLN C 100 12.93 37.43 17.66
N HIS C 101 11.81 36.92 18.15
CA HIS C 101 11.55 36.87 19.59
C HIS C 101 12.04 35.60 20.29
N LEU C 102 12.11 34.46 19.61
CA LEU C 102 12.51 33.22 20.26
C LEU C 102 13.60 32.40 19.60
N GLY C 103 13.73 32.49 18.28
CA GLY C 103 14.65 31.64 17.53
C GLY C 103 13.94 30.85 16.45
N GLN C 104 14.70 30.25 15.55
CA GLN C 104 14.12 29.53 14.41
C GLN C 104 13.46 28.23 14.86
N PRO C 105 12.20 27.99 14.48
CA PRO C 105 11.57 26.70 14.80
C PRO C 105 12.14 25.61 13.94
N LEU C 106 12.77 24.66 14.57
CA LEU C 106 13.37 23.54 13.86
C LEU C 106 12.50 22.31 14.00
N ILE C 107 11.41 22.39 14.77
CA ILE C 107 10.40 21.31 14.89
C ILE C 107 9.09 21.94 14.54
N VAL C 108 8.43 21.42 13.50
CA VAL C 108 7.20 21.97 13.08
C VAL C 108 6.20 20.86 12.96
N VAL C 109 5.05 21.03 13.64
CA VAL C 109 3.95 20.08 13.61
C VAL C 109 2.73 20.69 12.97
N ASN C 110 2.32 20.13 11.84
CA ASN C 110 1.17 20.63 11.13
C ASN C 110 -0.03 19.89 11.55
N ASN C 111 -0.89 20.53 12.31
CA ASN C 111 -2.11 19.93 12.77
C ASN C 111 -3.33 20.77 12.38
N ALA C 112 -3.16 21.81 11.57
CA ALA C 112 -4.23 22.72 11.20
C ALA C 112 -4.84 22.31 9.84
N GLY C 113 -5.39 21.10 9.84
CA GLY C 113 -6.17 20.60 8.73
C GLY C 113 -7.61 21.04 8.80
N ILE C 114 -8.16 21.56 7.72
CA ILE C 114 -9.60 21.80 7.62
C ILE C 114 -10.28 20.46 7.36
N THR C 115 -11.61 20.44 7.53
CA THR C 115 -12.52 19.32 7.20
C THR C 115 -13.64 19.78 6.23
N ARG C 116 -14.44 18.82 5.75
CA ARG C 116 -15.56 19.08 4.79
C ARG C 116 -16.51 20.23 5.18
N ASP C 117 -16.53 20.53 6.48
CA ASP C 117 -17.31 21.62 7.08
C ASP C 117 -16.89 23.06 6.59
N ASN C 118 -15.62 23.24 6.23
CA ASN C 118 -15.04 24.57 5.95
C ASN C 118 -15.10 25.05 4.48
N ASP C 126 -18.16 17.36 -4.61
CA ASP C 126 -17.06 18.30 -4.81
C ASP C 126 -16.11 18.48 -3.59
N GLU C 127 -16.59 18.21 -2.36
CA GLU C 127 -15.86 18.61 -1.17
C GLU C 127 -14.67 17.76 -0.85
N TRP C 128 -14.83 16.45 -1.00
CA TRP C 128 -13.76 15.51 -0.74
C TRP C 128 -12.49 15.94 -1.45
N PHE C 129 -12.62 16.46 -2.66
CA PHE C 129 -11.45 16.90 -3.41
C PHE C 129 -10.85 18.18 -2.86
N ASP C 130 -11.71 19.16 -2.63
CA ASP C 130 -11.27 20.48 -2.21
C ASP C 130 -10.61 20.41 -0.84
N VAL C 131 -11.14 19.57 0.04
CA VAL C 131 -10.56 19.42 1.36
C VAL C 131 -9.11 18.97 1.25
N VAL C 132 -8.85 17.89 0.54
CA VAL C 132 -7.51 17.31 0.46
C VAL C 132 -6.61 18.28 -0.27
N ASN C 133 -7.13 18.86 -1.34
CA ASN C 133 -6.35 19.82 -2.12
C ASN C 133 -5.89 21.00 -1.29
N THR C 134 -6.77 21.47 -0.44
CA THR C 134 -6.52 22.62 0.36
C THR C 134 -5.53 22.31 1.45
N ASN C 135 -5.75 21.18 2.10
CA ASN C 135 -4.85 20.76 3.15
C ASN C 135 -3.43 20.45 2.66
N LEU C 136 -3.29 19.85 1.49
CA LEU C 136 -1.92 19.61 1.00
C LEU C 136 -1.25 20.89 0.56
N ASN C 137 -2.00 21.79 -0.07
CA ASN C 137 -1.44 23.10 -0.38
C ASN C 137 -0.97 23.90 0.88
N SER C 138 -1.67 23.76 2.01
CA SER C 138 -1.24 24.44 3.23
C SER C 138 -0.05 23.74 3.86
N LEU C 139 -0.01 22.41 3.83
CA LEU C 139 1.18 21.71 4.33
C LEU C 139 2.42 22.15 3.57
N TYR C 140 2.30 22.18 2.26
CA TYR C 140 3.42 22.58 1.39
C TYR C 140 3.88 23.99 1.69
N ARG C 141 2.93 24.90 1.86
CA ARG C 141 3.22 26.31 2.11
C ARG C 141 3.95 26.45 3.43
N LEU C 142 3.45 25.83 4.49
CA LEU C 142 4.12 26.01 5.76
C LEU C 142 5.50 25.39 5.69
N SER C 143 5.56 24.20 5.14
CA SER C 143 6.80 23.43 5.11
C SER C 143 7.91 24.15 4.37
N LYS C 144 7.61 24.64 3.15
CA LYS C 144 8.57 25.38 2.39
C LYS C 144 9.07 26.64 3.14
N ALA C 145 8.20 27.32 3.88
CA ALA C 145 8.62 28.52 4.61
C ALA C 145 9.56 28.16 5.75
N VAL C 146 9.36 27.03 6.40
CA VAL C 146 10.22 26.69 7.59
C VAL C 146 11.52 26.01 7.17
N LEU C 147 11.58 25.53 5.93
CA LEU C 147 12.78 24.83 5.43
C LEU C 147 14.05 25.64 5.33
N ARG C 148 13.92 26.95 5.16
CA ARG C 148 15.10 27.77 5.12
C ARG C 148 15.82 27.79 6.47
N GLY C 149 15.10 28.03 7.57
CA GLY C 149 15.71 27.92 8.88
C GLY C 149 16.35 26.55 9.15
N MET C 150 15.73 25.49 8.66
CA MET C 150 16.16 24.14 8.96
C MET C 150 17.39 23.79 8.15
N THR C 151 17.37 24.17 6.89
CA THR C 151 18.54 24.07 6.02
C THR C 151 19.78 24.78 6.61
N LYS C 152 19.63 26.04 7.03
CA LYS C 152 20.77 26.76 7.65
C LYS C 152 21.30 25.97 8.82
N ALA C 153 20.41 25.41 9.62
CA ALA C 153 20.81 24.70 10.83
C ALA C 153 21.30 23.29 10.53
N ARG C 154 21.07 22.79 9.32
CA ARG C 154 21.33 21.38 8.96
C ARG C 154 20.63 20.38 9.87
N TRP C 155 19.37 20.67 10.22
CA TRP C 155 18.63 19.84 11.14
C TRP C 155 17.17 20.26 11.11
N GLY C 156 16.25 19.31 11.17
CA GLY C 156 14.84 19.66 11.25
C GLY C 156 13.90 18.48 11.40
N ARG C 157 12.71 18.78 11.88
CA ARG C 157 11.66 17.81 12.05
C ARG C 157 10.36 18.43 11.61
N ILE C 158 9.75 17.85 10.55
CA ILE C 158 8.45 18.21 10.13
C ILE C 158 7.55 17.01 10.35
N ILE C 159 6.44 17.24 11.05
CA ILE C 159 5.53 16.17 11.43
C ILE C 159 4.12 16.60 11.09
N ASN C 160 3.49 15.84 10.20
CA ASN C 160 2.16 16.14 9.75
C ASN C 160 1.14 15.29 10.47
N ILE C 161 0.08 15.88 11.00
CA ILE C 161 -0.92 15.12 11.69
C ILE C 161 -2.12 14.89 10.76
N GLY C 162 -2.50 13.63 10.55
CA GLY C 162 -3.62 13.34 9.72
C GLY C 162 -4.88 13.64 10.51
N SER C 163 -6.02 13.44 9.87
CA SER C 163 -7.30 13.69 10.51
C SER C 163 -7.81 12.41 11.20
N VAL C 164 -8.58 12.60 12.27
CA VAL C 164 -9.23 11.51 12.96
C VAL C 164 -10.40 10.98 12.13
N VAL C 165 -10.75 9.72 12.33
CA VAL C 165 -11.94 9.23 11.66
C VAL C 165 -13.15 10.06 12.12
N ALA C 171 -18.86 7.91 2.79
CA ALA C 171 -18.81 9.36 2.93
C ALA C 171 -17.65 9.78 3.84
N GLY C 172 -17.78 9.50 5.13
CA GLY C 172 -16.69 9.70 6.08
C GLY C 172 -15.50 8.82 5.77
N GLN C 173 -15.77 7.59 5.34
CA GLN C 173 -14.72 6.62 4.98
C GLN C 173 -13.92 7.10 3.76
N THR C 174 -14.62 7.69 2.79
CA THR C 174 -14.02 8.16 1.54
C THR C 174 -13.07 9.32 1.84
N ASN C 175 -13.60 10.29 2.59
CA ASN C 175 -12.83 11.45 2.98
C ASN C 175 -11.63 11.08 3.79
N TYR C 176 -11.82 10.17 4.75
CA TYR C 176 -10.75 9.73 5.63
C TYR C 176 -9.65 9.00 4.84
N ALA C 177 -10.06 8.10 3.95
CA ALA C 177 -9.09 7.33 3.21
C ALA C 177 -8.33 8.25 2.25
N ALA C 178 -9.05 9.19 1.64
CA ALA C 178 -8.45 10.13 0.70
C ALA C 178 -7.42 11.03 1.38
N ALA C 179 -7.81 11.61 2.52
CA ALA C 179 -6.89 12.50 3.26
C ALA C 179 -5.66 11.69 3.69
N LYS C 180 -5.86 10.45 4.08
CA LYS C 180 -4.75 9.61 4.52
C LYS C 180 -3.78 9.24 3.40
N ALA C 181 -4.32 8.85 2.24
CA ALA C 181 -3.49 8.52 1.06
C ALA C 181 -2.73 9.75 0.57
N GLY C 182 -3.39 10.90 0.51
CA GLY C 182 -2.71 12.14 0.12
C GLY C 182 -1.58 12.47 1.08
N LEU C 183 -1.86 12.35 2.37
CA LEU C 183 -0.86 12.72 3.39
C LEU C 183 0.35 11.79 3.34
N GLU C 184 0.10 10.51 3.15
CA GLU C 184 1.16 9.50 3.10
C GLU C 184 2.12 9.75 1.89
N GLY C 185 1.56 10.01 0.71
CA GLY C 185 2.34 10.22 -0.50
C GLY C 185 3.06 11.57 -0.48
N PHE C 186 2.38 12.56 0.02
CA PHE C 186 2.97 13.85 0.16
C PHE C 186 4.17 13.82 1.14
N THR C 187 4.00 13.16 2.28
CA THR C 187 5.00 13.14 3.34
C THR C 187 6.24 12.44 2.80
N ARG C 188 6.04 11.39 2.02
CA ARG C 188 7.13 10.62 1.51
C ARG C 188 7.89 11.40 0.42
N ALA C 189 7.15 12.14 -0.41
CA ALA C 189 7.78 12.95 -1.45
C ALA C 189 8.59 14.06 -0.82
N LEU C 190 8.03 14.74 0.15
CA LEU C 190 8.75 15.85 0.78
C LEU C 190 9.97 15.33 1.49
N ALA C 191 9.84 14.20 2.15
CA ALA C 191 10.98 13.56 2.81
C ALA C 191 12.12 13.39 1.85
N ARG C 192 11.82 12.94 0.65
CA ARG C 192 12.82 12.80 -0.45
C ARG C 192 13.49 14.09 -0.88
N GLU C 193 12.72 15.17 -0.97
CA GLU C 193 13.25 16.42 -1.42
C GLU C 193 14.20 17.00 -0.37
N VAL C 194 13.94 16.84 0.91
CA VAL C 194 14.75 17.58 1.95
C VAL C 194 15.71 16.72 2.75
N GLY C 195 15.73 15.43 2.45
CA GLY C 195 16.53 14.51 3.24
C GLY C 195 18.02 14.85 3.30
N SER C 196 18.61 15.32 2.18
CA SER C 196 20.07 15.54 2.17
C SER C 196 20.51 16.53 3.25
N ARG C 197 19.55 17.29 3.76
CA ARG C 197 19.80 18.32 4.75
C ARG C 197 19.65 17.91 6.22
N ALA C 198 19.52 16.60 6.46
CA ALA C 198 19.24 16.08 7.80
C ALA C 198 17.95 16.63 8.40
N ILE C 199 16.98 16.82 7.53
CA ILE C 199 15.64 17.15 7.93
C ILE C 199 14.77 15.90 7.71
N THR C 200 14.05 15.43 8.73
CA THR C 200 13.06 14.38 8.57
C THR C 200 11.66 14.91 8.41
N VAL C 201 10.86 14.18 7.61
CA VAL C 201 9.47 14.49 7.38
C VAL C 201 8.61 13.23 7.52
N ASN C 202 7.67 13.28 8.46
CA ASN C 202 6.89 12.14 8.80
C ASN C 202 5.46 12.56 9.04
N ALA C 203 4.57 11.58 9.09
CA ALA C 203 3.25 11.85 9.48
C ALA C 203 2.75 10.89 10.58
N VAL C 204 1.70 11.30 11.25
CA VAL C 204 0.99 10.45 12.22
C VAL C 204 -0.46 10.39 11.79
N ALA C 205 -0.99 9.20 11.69
CA ALA C 205 -2.35 8.95 11.14
C ALA C 205 -3.21 8.40 12.26
N PRO C 206 -3.98 9.27 12.92
CA PRO C 206 -4.80 8.78 14.03
C PRO C 206 -6.01 8.02 13.55
N GLY C 207 -6.50 7.19 14.45
CA GLY C 207 -7.76 6.44 14.27
C GLY C 207 -8.86 7.16 14.99
N PHE C 208 -9.61 6.43 15.82
CA PHE C 208 -10.65 7.00 16.67
C PHE C 208 -10.06 7.45 17.98
N ILE C 209 -10.05 8.75 18.17
CA ILE C 209 -9.50 9.38 19.35
C ILE C 209 -10.65 10.02 20.20
N ASP C 210 -10.50 9.94 21.51
CA ASP C 210 -11.40 10.54 22.52
C ASP C 210 -11.21 12.06 22.53
N THR C 211 -12.17 12.76 21.94
CA THR C 211 -12.13 14.23 21.88
C THR C 211 -13.50 14.75 22.22
N ASP C 212 -13.64 16.08 22.11
CA ASP C 212 -14.91 16.74 22.35
C ASP C 212 -16.05 16.10 21.56
N MET C 213 -15.86 15.91 20.25
CA MET C 213 -16.92 15.31 19.40
C MET C 213 -17.34 13.89 19.83
N THR C 214 -16.36 13.07 20.23
CA THR C 214 -16.59 11.63 20.33
C THR C 214 -17.18 11.12 21.66
N ARG C 215 -17.01 11.85 22.75
CA ARG C 215 -17.60 11.43 24.04
C ARG C 215 -19.13 11.30 24.06
N GLU C 216 -19.77 12.09 23.21
CA GLU C 216 -21.20 12.27 23.37
C GLU C 216 -21.97 11.22 22.59
N LEU C 217 -21.30 10.35 21.85
CA LEU C 217 -22.01 9.43 20.96
C LEU C 217 -22.97 8.43 21.66
N PRO C 218 -24.14 8.15 21.05
CA PRO C 218 -25.06 7.15 21.62
C PRO C 218 -24.38 5.80 21.81
N GLU C 219 -24.85 5.06 22.80
CA GLU C 219 -24.23 3.79 23.17
C GLU C 219 -24.12 2.86 21.98
N ALA C 220 -25.23 2.65 21.29
CA ALA C 220 -25.26 1.76 20.12
C ALA C 220 -24.09 2.06 19.18
N GLN C 221 -23.92 3.34 18.84
CA GLN C 221 -22.87 3.78 17.94
C GLN C 221 -21.49 3.62 18.55
N ARG C 222 -21.37 3.91 19.85
CA ARG C 222 -20.10 3.74 20.57
C ARG C 222 -19.67 2.28 20.70
N GLU C 223 -20.60 1.37 21.00
CA GLU C 223 -20.25 -0.07 21.05
C GLU C 223 -19.92 -0.67 19.68
N ALA C 224 -20.61 -0.21 18.64
CA ALA C 224 -20.28 -0.66 17.29
C ALA C 224 -18.85 -0.24 16.90
N LEU C 225 -18.48 0.97 17.32
CA LEU C 225 -17.19 1.55 16.98
C LEU C 225 -16.08 0.77 17.64
N LEU C 226 -16.23 0.57 18.94
CA LEU C 226 -15.27 -0.18 19.71
C LEU C 226 -15.08 -1.60 19.20
N GLY C 227 -16.13 -2.22 18.68
CA GLY C 227 -16.01 -3.55 18.13
C GLY C 227 -15.13 -3.63 16.90
N GLN C 228 -14.88 -2.50 16.26
CA GLN C 228 -13.97 -2.47 15.11
C GLN C 228 -12.48 -2.18 15.46
N ILE C 229 -12.23 -1.85 16.73
CA ILE C 229 -10.88 -1.54 17.25
C ILE C 229 -10.34 -2.68 18.09
N PRO C 230 -9.29 -3.34 17.62
CA PRO C 230 -8.80 -4.50 18.36
C PRO C 230 -8.46 -4.17 19.85
N LEU C 231 -7.89 -3.00 20.13
CA LEU C 231 -7.63 -2.64 21.56
C LEU C 231 -8.92 -2.40 22.36
N GLY C 232 -10.05 -2.25 21.69
CA GLY C 232 -11.32 -2.17 22.38
C GLY C 232 -11.55 -0.89 23.14
N ARG C 233 -10.83 0.17 22.75
CA ARG C 233 -11.01 1.48 23.35
C ARG C 233 -10.60 2.57 22.38
N LEU C 234 -10.98 3.80 22.73
CA LEU C 234 -10.62 4.97 21.97
C LEU C 234 -9.24 5.34 22.41
N GLY C 235 -8.49 5.99 21.53
CA GLY C 235 -7.19 6.49 21.90
C GLY C 235 -7.33 7.82 22.62
N GLN C 236 -6.37 8.14 23.47
CA GLN C 236 -6.28 9.47 24.07
C GLN C 236 -5.46 10.40 23.16
N ALA C 237 -5.76 11.68 23.23
CA ALA C 237 -4.97 12.69 22.54
C ALA C 237 -3.52 12.59 22.91
N GLU C 238 -3.23 12.31 24.18
CA GLU C 238 -1.86 12.18 24.71
C GLU C 238 -1.08 11.06 23.99
N GLU C 239 -1.81 10.06 23.51
CA GLU C 239 -1.19 8.93 22.84
C GLU C 239 -0.73 9.29 21.42
N ILE C 240 -1.39 10.25 20.80
CA ILE C 240 -0.88 10.80 19.55
C ILE C 240 0.36 11.66 19.89
N ALA C 241 0.23 12.47 20.96
CA ALA C 241 1.28 13.39 21.34
C ALA C 241 2.59 12.69 21.66
N LYS C 242 2.51 11.54 22.26
CA LYS C 242 3.73 10.75 22.54
C LYS C 242 4.48 10.32 21.30
N VAL C 243 3.74 9.89 20.28
CA VAL C 243 4.34 9.47 19.06
C VAL C 243 5.01 10.66 18.37
N VAL C 244 4.37 11.83 18.38
CA VAL C 244 4.96 13.04 17.84
C VAL C 244 6.22 13.42 18.59
N GLY C 245 6.14 13.33 19.93
CA GLY C 245 7.29 13.57 20.73
C GLY C 245 8.46 12.70 20.34
N PHE C 246 8.24 11.44 20.17
CA PHE C 246 9.34 10.59 19.73
C PHE C 246 9.90 11.01 18.34
N LEU C 247 9.03 11.32 17.40
CA LEU C 247 9.49 11.53 16.02
C LEU C 247 10.29 12.79 15.97
N ALA C 248 10.00 13.69 16.89
CA ALA C 248 10.79 14.92 17.03
C ALA C 248 12.19 14.76 17.65
N SER C 249 12.47 13.62 18.24
CA SER C 249 13.72 13.44 19.00
C SER C 249 14.85 13.01 18.09
N ASP C 250 16.05 13.03 18.67
CA ASP C 250 17.26 12.58 17.99
C ASP C 250 17.25 11.10 17.78
N GLY C 251 16.55 10.39 18.63
CA GLY C 251 16.40 8.96 18.43
C GLY C 251 15.65 8.56 17.17
N ALA C 252 14.82 9.43 16.60
CA ALA C 252 14.07 9.17 15.32
C ALA C 252 14.77 9.76 14.12
N ALA C 253 16.06 9.98 14.26
CA ALA C 253 16.81 10.64 13.17
C ALA C 253 16.83 9.89 11.87
N TYR C 254 16.64 8.58 11.89
CA TYR C 254 16.71 7.78 10.65
C TYR C 254 15.34 7.39 10.13
N VAL C 255 14.29 7.84 10.83
CA VAL C 255 12.95 7.67 10.41
C VAL C 255 12.53 8.89 9.56
N THR C 256 12.24 8.65 8.27
CA THR C 256 11.75 9.74 7.44
C THR C 256 10.93 9.22 6.26
N GLY C 257 9.95 9.98 5.86
CA GLY C 257 8.96 9.58 4.85
C GLY C 257 7.91 8.63 5.36
N ALA C 258 7.85 8.46 6.69
CA ALA C 258 6.97 7.48 7.27
C ALA C 258 5.66 8.12 7.69
N THR C 259 4.60 7.32 7.58
CA THR C 259 3.34 7.58 8.24
C THR C 259 3.10 6.48 9.30
N VAL C 260 3.07 6.88 10.57
CA VAL C 260 2.86 6.02 11.70
C VAL C 260 1.43 6.03 12.08
N PRO C 261 0.78 4.90 11.91
CA PRO C 261 -0.62 4.86 12.31
C PRO C 261 -0.75 4.67 13.83
N VAL C 262 -1.70 5.40 14.44
CA VAL C 262 -1.97 5.31 15.85
C VAL C 262 -3.47 5.15 16.03
N ASN C 263 -3.92 3.91 15.85
CA ASN C 263 -5.32 3.61 15.67
C ASN C 263 -5.78 2.38 16.40
N GLY C 264 -5.00 1.88 17.34
CA GLY C 264 -5.45 0.76 18.14
C GLY C 264 -5.71 -0.47 17.31
N GLY C 265 -5.13 -0.53 16.13
CA GLY C 265 -5.22 -1.74 15.28
C GLY C 265 -6.36 -1.68 14.27
N MET C 266 -7.10 -0.57 14.23
CA MET C 266 -8.19 -0.37 13.27
C MET C 266 -7.63 0.20 11.96
N TYR C 267 -7.50 -0.60 10.92
CA TYR C 267 -7.02 -0.08 9.61
C TYR C 267 -8.12 0.00 8.54
N MET C 268 -8.30 1.20 8.02
CA MET C 268 -9.15 1.43 6.83
C MET C 268 -8.34 2.09 5.71
N SER C 269 -8.63 1.69 4.47
CA SER C 269 -8.01 2.37 3.32
C SER C 269 -9.00 2.47 2.16
N GLU D 16 -32.08 0.70 -40.23
CA GLU D 16 -30.99 0.51 -41.28
C GLU D 16 -29.64 1.17 -40.93
N ASN D 17 -29.69 2.28 -40.21
CA ASN D 17 -28.53 2.77 -39.43
C ASN D 17 -28.62 2.33 -38.00
N LEU D 18 -29.73 1.65 -37.68
CA LEU D 18 -29.90 1.12 -36.33
C LEU D 18 -28.93 -0.03 -36.07
N TYR D 19 -28.49 -0.09 -34.82
CA TYR D 19 -27.46 -0.98 -34.42
C TYR D 19 -27.59 -1.12 -32.93
N PHE D 20 -28.07 -2.29 -32.50
CA PHE D 20 -28.27 -2.57 -31.07
C PHE D 20 -27.17 -3.49 -30.61
N GLN D 21 -26.15 -2.91 -30.04
CA GLN D 21 -24.98 -3.67 -29.64
C GLN D 21 -25.25 -4.50 -28.39
N SER D 22 -24.46 -5.57 -28.24
CA SER D 22 -24.35 -6.36 -27.01
C SER D 22 -22.86 -6.64 -26.58
N MET D 23 -22.54 -6.26 -25.33
CA MET D 23 -21.26 -6.48 -24.66
C MET D 23 -20.04 -5.94 -25.40
N SER D 24 -20.18 -4.89 -26.20
CA SER D 24 -19.06 -4.32 -26.91
C SER D 24 -18.93 -2.79 -26.66
N LEU D 25 -17.92 -2.15 -27.24
CA LEU D 25 -17.84 -0.68 -27.25
C LEU D 25 -18.55 -0.09 -28.48
N GLN D 26 -19.14 -0.94 -29.30
CA GLN D 26 -19.84 -0.48 -30.53
C GLN D 26 -20.79 0.67 -30.31
N GLY D 27 -20.61 1.76 -31.05
CA GLY D 27 -21.38 2.98 -30.78
C GLY D 27 -20.98 3.82 -29.56
N LYS D 28 -20.17 3.30 -28.65
CA LYS D 28 -19.90 4.12 -27.48
C LYS D 28 -19.01 5.21 -28.04
N VAL D 29 -19.11 6.37 -27.42
CA VAL D 29 -18.27 7.49 -27.73
C VAL D 29 -17.24 7.62 -26.64
N ALA D 30 -15.98 7.69 -27.06
CA ALA D 30 -14.84 7.67 -26.21
C ALA D 30 -14.03 8.95 -26.45
N LEU D 31 -13.64 9.60 -25.36
CA LEU D 31 -12.80 10.75 -25.38
C LEU D 31 -11.46 10.39 -24.80
N VAL D 32 -10.39 10.61 -25.56
CA VAL D 32 -9.03 10.27 -25.12
C VAL D 32 -8.16 11.48 -25.23
N THR D 33 -7.71 11.98 -24.08
CA THR D 33 -6.89 13.17 -24.05
C THR D 33 -5.46 12.78 -24.34
N GLY D 34 -4.71 13.68 -24.97
CA GLY D 34 -3.30 13.42 -25.24
C GLY D 34 -3.11 12.30 -26.22
N ALA D 35 -3.90 12.30 -27.29
CA ALA D 35 -3.96 11.16 -28.22
C ALA D 35 -3.03 11.25 -29.41
N SER D 36 -2.17 12.27 -29.45
CA SER D 36 -1.42 12.53 -30.70
C SER D 36 -0.19 11.65 -30.85
N ARG D 37 0.25 10.99 -29.80
CA ARG D 37 1.41 10.08 -29.92
C ARG D 37 1.42 8.99 -28.87
N GLY D 38 2.35 8.08 -29.03
CA GLY D 38 2.71 7.12 -28.02
C GLY D 38 1.48 6.46 -27.38
N ILE D 39 1.42 6.50 -26.06
CA ILE D 39 0.42 5.74 -25.34
C ILE D 39 -1.00 6.19 -25.74
N GLY D 40 -1.23 7.50 -25.73
CA GLY D 40 -2.50 8.07 -26.03
C GLY D 40 -2.99 7.61 -27.41
N GLN D 41 -2.09 7.67 -28.39
CA GLN D 41 -2.45 7.30 -29.75
C GLN D 41 -2.80 5.84 -29.78
N ALA D 42 -2.00 5.01 -29.10
CA ALA D 42 -2.25 3.56 -29.10
C ALA D 42 -3.59 3.25 -28.44
N ILE D 43 -3.97 4.03 -27.45
CA ILE D 43 -5.28 3.86 -26.82
C ILE D 43 -6.45 4.24 -27.74
N ALA D 44 -6.30 5.37 -28.42
CA ALA D 44 -7.31 5.84 -29.32
C ALA D 44 -7.57 4.74 -30.39
N LEU D 45 -6.53 4.15 -30.94
CA LEU D 45 -6.69 3.11 -31.95
C LEU D 45 -7.26 1.84 -31.36
N GLU D 46 -6.87 1.49 -30.13
CA GLU D 46 -7.42 0.29 -29.54
C GLU D 46 -8.93 0.46 -29.30
N LEU D 47 -9.34 1.60 -28.80
CA LEU D 47 -10.74 1.80 -28.58
C LEU D 47 -11.51 1.86 -29.91
N GLY D 48 -10.90 2.42 -30.93
CA GLY D 48 -11.51 2.42 -32.28
C GLY D 48 -11.63 1.02 -32.86
N ARG D 49 -10.59 0.21 -32.68
CA ARG D 49 -10.62 -1.17 -33.12
C ARG D 49 -11.72 -1.97 -32.39
N LEU D 50 -11.99 -1.63 -31.13
CA LEU D 50 -13.07 -2.25 -30.39
C LEU D 50 -14.45 -1.69 -30.77
N GLY D 51 -14.49 -0.75 -31.72
CA GLY D 51 -15.75 -0.23 -32.31
C GLY D 51 -16.26 1.12 -31.79
N ALA D 52 -15.54 1.72 -30.85
CA ALA D 52 -15.93 3.05 -30.34
C ALA D 52 -15.71 4.12 -31.40
N VAL D 53 -16.55 5.15 -31.33
CA VAL D 53 -16.28 6.40 -31.98
C VAL D 53 -15.34 7.20 -31.08
N VAL D 54 -14.20 7.60 -31.61
CA VAL D 54 -13.13 8.13 -30.78
C VAL D 54 -12.85 9.59 -31.03
N ILE D 55 -12.89 10.39 -29.99
CA ILE D 55 -12.43 11.77 -30.06
C ILE D 55 -11.11 11.86 -29.31
N GLY D 56 -10.05 12.09 -30.07
CA GLY D 56 -8.74 12.24 -29.49
C GLY D 56 -8.46 13.70 -29.38
N THR D 57 -7.77 14.11 -28.33
CA THR D 57 -7.45 15.51 -28.14
C THR D 57 -5.95 15.77 -28.03
N ALA D 58 -5.61 17.01 -28.34
CA ALA D 58 -4.24 17.53 -28.22
C ALA D 58 -4.41 18.99 -27.85
N THR D 59 -3.33 19.61 -27.45
CA THR D 59 -3.34 21.02 -26.99
C THR D 59 -3.10 22.00 -28.12
N SER D 60 -2.60 21.52 -29.26
CA SER D 60 -2.41 22.35 -30.44
C SER D 60 -3.26 21.88 -31.60
N ALA D 61 -3.46 22.77 -32.57
CA ALA D 61 -4.19 22.47 -33.78
C ALA D 61 -3.47 21.46 -34.64
N SER D 62 -2.12 21.42 -34.60
CA SER D 62 -1.39 20.45 -35.42
C SER D 62 -1.58 19.04 -34.84
N GLY D 63 -1.56 18.94 -33.51
CA GLY D 63 -1.85 17.67 -32.85
C GLY D 63 -3.25 17.18 -33.15
N ALA D 64 -4.24 18.07 -33.09
CA ALA D 64 -5.60 17.68 -33.39
C ALA D 64 -5.69 17.13 -34.81
N GLU D 65 -4.98 17.76 -35.73
CA GLU D 65 -5.11 17.44 -37.14
C GLU D 65 -4.42 16.10 -37.37
N LYS D 66 -3.32 15.89 -36.69
CA LYS D 66 -2.60 14.66 -36.81
C LYS D 66 -3.42 13.48 -36.28
N ILE D 67 -4.09 13.71 -35.16
CA ILE D 67 -4.98 12.71 -34.61
C ILE D 67 -6.08 12.35 -35.63
N ALA D 68 -6.73 13.35 -36.24
CA ALA D 68 -7.79 13.08 -37.25
C ALA D 68 -7.27 12.22 -38.40
N GLU D 69 -6.12 12.60 -38.95
CA GLU D 69 -5.44 11.80 -39.97
C GLU D 69 -5.14 10.36 -39.54
N THR D 70 -4.60 10.18 -38.33
CA THR D 70 -4.27 8.84 -37.83
C THR D 70 -5.57 7.98 -37.74
N LEU D 71 -6.62 8.57 -37.19
CA LEU D 71 -7.87 7.84 -37.06
C LEU D 71 -8.39 7.44 -38.44
N LYS D 72 -8.42 8.40 -39.37
CA LYS D 72 -8.85 8.14 -40.74
C LYS D 72 -8.07 6.99 -41.36
N ALA D 73 -6.76 7.11 -41.37
CA ALA D 73 -5.91 6.12 -41.98
C ALA D 73 -6.22 4.73 -41.43
N ASN D 74 -6.68 4.65 -40.19
CA ASN D 74 -6.97 3.37 -39.54
C ASN D 74 -8.43 2.95 -39.55
N GLY D 75 -9.28 3.71 -40.24
CA GLY D 75 -10.68 3.35 -40.38
C GLY D 75 -11.48 3.55 -39.11
N VAL D 76 -10.99 4.44 -38.24
CA VAL D 76 -11.69 4.76 -37.01
C VAL D 76 -12.52 6.01 -37.26
N GLU D 77 -13.82 5.89 -37.04
CA GLU D 77 -14.74 7.04 -37.02
C GLU D 77 -14.47 7.86 -35.76
N GLY D 78 -14.58 9.18 -35.86
CA GLY D 78 -14.29 10.06 -34.75
C GLY D 78 -13.76 11.41 -35.19
N ALA D 79 -12.84 11.98 -34.39
CA ALA D 79 -12.36 13.33 -34.61
C ALA D 79 -11.12 13.62 -33.76
N GLY D 80 -10.34 14.58 -34.21
CA GLY D 80 -9.28 15.19 -33.39
C GLY D 80 -9.68 16.59 -32.99
N LEU D 81 -9.58 16.93 -31.71
CA LEU D 81 -9.88 18.27 -31.25
C LEU D 81 -8.84 18.84 -30.35
N VAL D 82 -8.88 20.16 -30.22
CA VAL D 82 -7.97 20.88 -29.32
C VAL D 82 -8.63 21.00 -27.96
N LEU D 83 -7.89 20.60 -26.94
CA LEU D 83 -8.41 20.65 -25.60
C LEU D 83 -7.27 20.94 -24.65
N ASP D 84 -7.53 21.86 -23.74
CA ASP D 84 -6.58 22.22 -22.69
C ASP D 84 -7.25 21.84 -21.39
N VAL D 85 -6.79 20.76 -20.80
CA VAL D 85 -7.43 20.20 -19.62
C VAL D 85 -7.25 21.12 -18.39
N SER D 86 -6.32 22.08 -18.41
CA SER D 86 -6.18 23.04 -17.30
C SER D 86 -7.19 24.21 -17.30
N SER D 87 -8.07 24.28 -18.29
CA SER D 87 -8.98 25.41 -18.46
C SER D 87 -10.43 24.96 -18.42
N ASP D 88 -11.22 25.51 -17.48
CA ASP D 88 -12.65 25.20 -17.45
C ASP D 88 -13.33 25.54 -18.77
N GLU D 89 -12.93 26.65 -19.37
CA GLU D 89 -13.61 27.09 -20.59
C GLU D 89 -13.39 26.08 -21.69
N SER D 90 -12.13 25.73 -21.92
CA SER D 90 -11.79 24.79 -22.98
C SER D 90 -12.51 23.42 -22.81
N VAL D 91 -12.53 22.96 -21.58
CA VAL D 91 -13.21 21.74 -21.24
C VAL D 91 -14.69 21.84 -21.57
N ALA D 92 -15.36 22.83 -21.00
CA ALA D 92 -16.82 22.98 -21.23
C ALA D 92 -17.13 23.08 -22.75
N ALA D 93 -16.29 23.81 -23.47
CA ALA D 93 -16.50 24.05 -24.90
C ALA D 93 -16.35 22.79 -25.67
N THR D 94 -15.28 22.08 -25.35
CA THR D 94 -15.01 20.84 -26.06
C THR D 94 -16.14 19.81 -25.83
N LEU D 95 -16.57 19.67 -24.59
CA LEU D 95 -17.68 18.76 -24.30
C LEU D 95 -18.94 19.13 -25.08
N GLU D 96 -19.24 20.43 -25.14
CA GLU D 96 -20.42 20.88 -25.90
C GLU D 96 -20.31 20.50 -27.37
N HIS D 97 -19.16 20.76 -27.95
CA HIS D 97 -18.96 20.42 -29.35
C HIS D 97 -19.18 18.94 -29.60
N ILE D 98 -18.68 18.12 -28.69
CA ILE D 98 -18.77 16.67 -28.85
C ILE D 98 -20.23 16.19 -28.75
N GLN D 99 -20.95 16.73 -27.77
CA GLN D 99 -22.38 16.51 -27.63
C GLN D 99 -23.16 16.83 -28.92
N GLN D 100 -22.96 18.04 -29.42
CA GLN D 100 -23.69 18.50 -30.59
C GLN D 100 -23.46 17.56 -31.75
N HIS D 101 -22.21 17.25 -32.03
CA HIS D 101 -21.86 16.56 -33.26
C HIS D 101 -21.89 15.03 -33.18
N LEU D 102 -21.62 14.45 -32.01
CA LEU D 102 -21.48 12.99 -31.93
C LEU D 102 -22.27 12.29 -30.85
N GLY D 103 -22.55 12.98 -29.76
CA GLY D 103 -23.21 12.40 -28.60
C GLY D 103 -22.33 12.53 -27.35
N GLN D 104 -22.85 12.07 -26.23
CA GLN D 104 -22.14 12.14 -24.96
C GLN D 104 -21.03 11.09 -24.78
N PRO D 105 -19.82 11.52 -24.40
CA PRO D 105 -18.74 10.55 -24.21
C PRO D 105 -18.94 9.82 -22.89
N LEU D 106 -19.11 8.52 -22.98
CA LEU D 106 -19.31 7.70 -21.81
C LEU D 106 -18.05 6.93 -21.46
N ILE D 107 -17.03 7.01 -22.31
CA ILE D 107 -15.72 6.46 -21.96
C ILE D 107 -14.76 7.67 -22.02
N VAL D 108 -14.06 7.94 -20.95
CA VAL D 108 -13.08 9.02 -20.95
C VAL D 108 -11.78 8.53 -20.42
N VAL D 109 -10.72 8.75 -21.17
CA VAL D 109 -9.39 8.33 -20.84
C VAL D 109 -8.51 9.56 -20.70
N ASN D 110 -8.00 9.76 -19.51
CA ASN D 110 -7.18 10.92 -19.21
C ASN D 110 -5.73 10.56 -19.31
N ASN D 111 -5.09 11.04 -20.35
CA ASN D 111 -3.72 10.73 -20.59
C ASN D 111 -2.90 11.99 -20.77
N ALA D 112 -3.50 13.14 -20.62
CA ALA D 112 -2.85 14.37 -21.07
C ALA D 112 -1.72 14.86 -20.14
N MET D 123 15.99 19.27 -13.95
CA MET D 123 14.76 18.59 -13.54
C MET D 123 14.98 17.76 -12.26
N LYS D 124 15.01 18.46 -11.12
CA LYS D 124 15.40 17.89 -9.84
C LYS D 124 14.18 17.45 -8.99
N ASP D 125 14.44 16.93 -7.78
CA ASP D 125 13.37 16.35 -6.95
C ASP D 125 12.63 17.40 -6.12
N ASP D 126 12.42 18.59 -6.68
CA ASP D 126 11.59 19.64 -6.06
C ASP D 126 10.55 20.20 -7.05
N GLU D 127 10.32 19.46 -8.12
CA GLU D 127 9.24 19.71 -9.11
C GLU D 127 7.96 18.92 -8.87
N TRP D 128 8.05 17.98 -7.95
CA TRP D 128 7.00 17.01 -7.75
C TRP D 128 5.69 17.66 -7.37
N PHE D 129 5.76 18.69 -6.55
CA PHE D 129 4.52 19.19 -5.98
C PHE D 129 3.65 19.81 -7.06
N ASP D 130 4.22 20.74 -7.82
CA ASP D 130 3.40 21.45 -8.81
CA ASP D 130 3.53 21.46 -8.91
C ASP D 130 2.91 20.50 -9.91
N VAL D 131 3.74 19.54 -10.29
CA VAL D 131 3.35 18.60 -11.31
C VAL D 131 2.12 17.78 -10.89
N VAL D 132 2.19 17.19 -9.71
CA VAL D 132 1.13 16.35 -9.24
C VAL D 132 -0.11 17.19 -8.98
N ASN D 133 0.07 18.31 -8.33
CA ASN D 133 -1.07 19.19 -8.06
C ASN D 133 -1.85 19.57 -9.36
N THR D 134 -1.12 19.87 -10.41
CA THR D 134 -1.68 20.31 -11.65
C THR D 134 -2.41 19.16 -12.32
N ASN D 135 -1.77 18.01 -12.34
CA ASN D 135 -2.38 16.87 -12.97
C ASN D 135 -3.62 16.40 -12.25
N LEU D 136 -3.65 16.43 -10.93
CA LEU D 136 -4.84 16.00 -10.27
C LEU D 136 -5.97 16.99 -10.47
N ASN D 137 -5.64 18.26 -10.45
CA ASN D 137 -6.68 19.28 -10.65
C ASN D 137 -7.29 19.20 -12.03
N SER D 138 -6.50 18.77 -13.01
CA SER D 138 -7.03 18.57 -14.36
C SER D 138 -7.83 17.27 -14.49
N LEU D 139 -7.40 16.19 -13.86
CA LEU D 139 -8.22 15.00 -13.83
C LEU D 139 -9.60 15.31 -13.26
N TYR D 140 -9.63 16.03 -12.14
CA TYR D 140 -10.89 16.36 -11.46
C TYR D 140 -11.79 17.19 -12.36
N ARG D 141 -11.20 18.18 -13.00
CA ARG D 141 -11.95 19.11 -13.83
C ARG D 141 -12.57 18.35 -15.00
N LEU D 142 -11.78 17.50 -15.66
CA LEU D 142 -12.36 16.79 -16.78
C LEU D 142 -13.42 15.82 -16.30
N SER D 143 -13.10 15.11 -15.24
CA SER D 143 -13.99 14.09 -14.74
C SER D 143 -15.36 14.63 -14.36
N LYS D 144 -15.38 15.69 -13.57
CA LYS D 144 -16.62 16.34 -13.14
C LYS D 144 -17.47 16.81 -14.31
N ALA D 145 -16.86 17.36 -15.34
CA ALA D 145 -17.59 17.82 -16.48
C ALA D 145 -18.26 16.62 -17.20
N VAL D 146 -17.60 15.46 -17.29
CA VAL D 146 -18.16 14.34 -18.08
C VAL D 146 -19.19 13.54 -17.30
N LEU D 147 -19.19 13.69 -15.99
CA LEU D 147 -20.05 12.90 -15.12
C LEU D 147 -21.52 13.11 -15.32
N ARG D 148 -21.90 14.31 -15.76
CA ARG D 148 -23.30 14.59 -15.99
C ARG D 148 -23.83 13.69 -17.11
N GLY D 149 -23.13 13.60 -18.24
CA GLY D 149 -23.56 12.68 -19.30
C GLY D 149 -23.65 11.21 -18.86
N MET D 150 -22.70 10.80 -18.01
CA MET D 150 -22.61 9.41 -17.62
C MET D 150 -23.69 9.08 -16.59
N THR D 151 -23.93 10.01 -15.66
CA THR D 151 -25.07 9.93 -14.74
C THR D 151 -26.41 9.77 -15.51
N LYS D 152 -26.69 10.65 -16.47
CA LYS D 152 -27.93 10.56 -17.25
C LYS D 152 -28.06 9.20 -17.91
N ALA D 153 -26.95 8.68 -18.42
CA ALA D 153 -26.96 7.39 -19.09
C ALA D 153 -26.93 6.20 -18.12
N ARG D 154 -26.63 6.45 -16.84
CA ARG D 154 -26.43 5.36 -15.86
C ARG D 154 -25.38 4.36 -16.31
N TRP D 155 -24.28 4.87 -16.87
CA TRP D 155 -23.19 4.03 -17.34
C TRP D 155 -21.96 4.88 -17.70
N GLY D 156 -20.77 4.40 -17.35
CA GLY D 156 -19.56 5.20 -17.61
C GLY D 156 -18.28 4.50 -17.31
N ARG D 157 -17.22 4.95 -17.99
CA ARG D 157 -15.86 4.51 -17.74
C ARG D 157 -14.90 5.67 -17.74
N ILE D 158 -14.22 5.90 -16.61
CA ILE D 158 -13.18 6.88 -16.52
C ILE D 158 -11.93 6.09 -16.22
N ILE D 159 -10.92 6.30 -17.07
CA ILE D 159 -9.66 5.61 -16.97
C ILE D 159 -8.53 6.63 -16.99
N ASN D 160 -7.78 6.70 -15.88
CA ASN D 160 -6.66 7.63 -15.75
C ASN D 160 -5.33 6.95 -16.05
N ILE D 161 -4.49 7.52 -16.90
CA ILE D 161 -3.23 6.92 -17.23
C ILE D 161 -2.10 7.61 -16.47
N GLY D 162 -1.32 6.86 -15.74
CA GLY D 162 -0.22 7.42 -14.97
C GLY D 162 0.90 7.75 -15.94
N SER D 163 1.93 8.41 -15.44
CA SER D 163 3.06 8.78 -16.27
C SER D 163 4.12 7.68 -16.23
N VAL D 164 4.87 7.62 -17.30
CA VAL D 164 5.90 6.63 -17.43
C VAL D 164 7.11 7.07 -16.63
N VAL D 165 7.95 6.10 -16.31
CA VAL D 165 9.13 6.48 -15.60
C VAL D 165 9.93 7.41 -16.52
N GLY D 166 10.32 8.59 -16.03
CA GLY D 166 10.97 9.60 -16.88
C GLY D 166 12.33 10.19 -16.45
N ALA D 167 13.30 9.33 -16.05
CA ALA D 167 14.73 9.75 -15.88
C ALA D 167 15.61 8.62 -15.35
N GLY D 169 17.38 8.44 -12.27
CA GLY D 169 17.89 8.35 -10.91
C GLY D 169 16.91 8.73 -9.82
N ASN D 170 17.23 9.78 -9.05
CA ASN D 170 16.44 10.22 -7.87
C ASN D 170 15.26 11.11 -8.21
N ALA D 171 15.61 12.25 -8.81
CA ALA D 171 14.65 13.29 -9.23
C ALA D 171 13.48 12.61 -9.97
N GLY D 172 13.83 11.75 -10.93
CA GLY D 172 12.85 10.99 -11.67
C GLY D 172 12.05 10.02 -10.82
N GLN D 173 12.73 9.38 -9.88
CA GLN D 173 12.06 8.44 -8.97
C GLN D 173 11.07 9.09 -8.02
N THR D 174 11.43 10.27 -7.52
CA THR D 174 10.59 11.03 -6.62
C THR D 174 9.32 11.50 -7.31
N ASN D 175 9.50 12.07 -8.49
CA ASN D 175 8.40 12.54 -9.32
C ASN D 175 7.47 11.43 -9.71
N TYR D 176 8.05 10.31 -10.11
CA TYR D 176 7.27 9.19 -10.54
C TYR D 176 6.47 8.61 -9.40
N ALA D 177 7.12 8.42 -8.25
CA ALA D 177 6.44 7.78 -7.15
C ALA D 177 5.32 8.70 -6.69
N ALA D 178 5.60 10.01 -6.66
CA ALA D 178 4.62 10.98 -6.17
C ALA D 178 3.40 11.02 -7.07
N ALA D 179 3.64 11.09 -8.38
CA ALA D 179 2.50 11.10 -9.34
C ALA D 179 1.70 9.84 -9.23
N LYS D 180 2.39 8.71 -9.06
CA LYS D 180 1.69 7.45 -8.92
C LYS D 180 0.84 7.35 -7.62
N ALA D 181 1.40 7.77 -6.46
CA ALA D 181 0.66 7.74 -5.20
C ALA D 181 -0.56 8.68 -5.25
N GLY D 182 -0.39 9.86 -5.85
CA GLY D 182 -1.54 10.79 -5.99
C GLY D 182 -2.62 10.21 -6.87
N LEU D 183 -2.22 9.60 -7.96
CA LEU D 183 -3.18 9.00 -8.94
C LEU D 183 -3.96 7.83 -8.37
N GLU D 184 -3.29 6.95 -7.65
CA GLU D 184 -4.00 5.84 -6.99
C GLU D 184 -5.06 6.33 -6.02
N GLY D 185 -4.67 7.25 -5.13
CA GLY D 185 -5.58 7.71 -4.05
C GLY D 185 -6.73 8.51 -4.65
N PHE D 186 -6.41 9.34 -5.61
CA PHE D 186 -7.44 10.11 -6.30
C PHE D 186 -8.44 9.22 -7.04
N THR D 187 -7.92 8.22 -7.73
CA THR D 187 -8.76 7.29 -8.50
C THR D 187 -9.71 6.54 -7.57
N ARG D 188 -9.20 6.11 -6.42
CA ARG D 188 -10.01 5.39 -5.49
C ARG D 188 -11.10 6.29 -4.87
N ALA D 189 -10.76 7.54 -4.53
CA ALA D 189 -11.71 8.45 -3.94
C ALA D 189 -12.82 8.77 -4.96
N LEU D 190 -12.45 9.07 -6.21
CA LEU D 190 -13.47 9.39 -7.19
C LEU D 190 -14.38 8.17 -7.45
N ALA D 191 -13.78 7.01 -7.51
CA ALA D 191 -14.54 5.79 -7.66
C ALA D 191 -15.64 5.72 -6.63
N ARG D 192 -15.31 6.00 -5.38
CA ARG D 192 -16.27 6.02 -4.28
C ARG D 192 -17.38 7.03 -4.43
N GLU D 193 -17.05 8.22 -4.88
CA GLU D 193 -18.02 9.27 -5.08
C GLU D 193 -19.05 8.93 -6.18
N VAL D 194 -18.65 8.28 -7.27
CA VAL D 194 -19.59 8.06 -8.43
C VAL D 194 -20.09 6.64 -8.64
N GLY D 195 -19.66 5.73 -7.78
CA GLY D 195 -20.01 4.32 -7.91
C GLY D 195 -21.50 4.07 -7.98
N SER D 196 -22.30 4.76 -7.16
CA SER D 196 -23.73 4.47 -7.12
C SER D 196 -24.43 4.65 -8.49
N ARG D 197 -23.76 5.34 -9.40
CA ARG D 197 -24.26 5.58 -10.75
C ARG D 197 -23.80 4.64 -11.87
N ALA D 198 -23.25 3.48 -11.50
CA ALA D 198 -22.71 2.49 -12.46
C ALA D 198 -21.65 3.09 -13.39
N ILE D 199 -20.88 3.99 -12.79
CA ILE D 199 -19.70 4.56 -13.43
C ILE D 199 -18.45 4.01 -12.71
N THR D 200 -17.54 3.39 -13.46
CA THR D 200 -16.29 2.95 -12.89
C THR D 200 -15.19 3.95 -13.13
N VAL D 201 -14.27 4.01 -12.16
CA VAL D 201 -13.10 4.85 -12.25
C VAL D 201 -11.85 4.03 -11.88
N ASN D 202 -10.94 3.91 -12.82
CA ASN D 202 -9.72 3.12 -12.66
C ASN D 202 -8.55 3.83 -13.28
N ALA D 203 -7.37 3.32 -12.95
CA ALA D 203 -6.19 3.87 -13.47
C ALA D 203 -5.29 2.76 -13.97
N VAL D 204 -4.32 3.17 -14.77
CA VAL D 204 -3.28 2.30 -15.27
C VAL D 204 -1.95 2.97 -15.01
N ALA D 205 -1.02 2.23 -14.43
CA ALA D 205 0.26 2.79 -13.95
C ALA D 205 1.37 2.15 -14.71
N PRO D 206 1.85 2.84 -15.74
CA PRO D 206 2.82 2.18 -16.55
C PRO D 206 4.14 2.20 -15.84
N GLY D 207 5.03 1.33 -16.29
CA GLY D 207 6.43 1.32 -15.91
C GLY D 207 7.30 1.99 -16.97
N PHE D 208 8.32 1.28 -17.39
CA PHE D 208 9.15 1.67 -18.49
C PHE D 208 8.57 1.18 -19.80
N ILE D 209 8.09 2.13 -20.58
CA ILE D 209 7.45 1.86 -21.85
C ILE D 209 8.33 2.45 -22.93
N ASP D 210 8.38 1.77 -24.07
CA ASP D 210 9.14 2.20 -25.22
C ASP D 210 8.45 3.40 -25.88
N THR D 211 8.97 4.60 -25.63
CA THR D 211 8.43 5.83 -26.21
C THR D 211 9.55 6.75 -26.68
N ASP D 212 9.16 7.94 -27.14
CA ASP D 212 10.10 8.95 -27.61
C ASP D 212 11.18 9.25 -26.56
N MET D 213 10.78 9.47 -25.32
CA MET D 213 11.77 9.72 -24.27
C MET D 213 12.76 8.58 -24.06
N THR D 214 12.27 7.34 -24.14
CA THR D 214 13.08 6.18 -23.75
C THR D 214 13.95 5.67 -24.90
N ARG D 215 13.51 5.90 -26.13
CA ARG D 215 14.29 5.53 -27.31
C ARG D 215 15.66 6.21 -27.41
N GLU D 216 15.79 7.38 -26.80
CA GLU D 216 16.98 8.20 -26.93
C GLU D 216 17.86 8.21 -25.67
N LEU D 217 17.47 7.47 -24.64
CA LEU D 217 18.34 7.24 -23.51
C LEU D 217 19.66 6.60 -23.91
N PRO D 218 20.77 6.97 -23.24
CA PRO D 218 22.05 6.28 -23.45
C PRO D 218 21.93 4.76 -23.16
N GLU D 219 22.42 3.93 -24.08
CA GLU D 219 22.31 2.46 -23.96
C GLU D 219 23.04 1.87 -22.76
N ALA D 220 24.20 2.43 -22.44
CA ALA D 220 24.91 2.08 -21.21
C ALA D 220 23.91 2.04 -20.04
N GLN D 221 23.08 3.09 -19.95
CA GLN D 221 22.01 3.15 -18.96
C GLN D 221 20.91 2.11 -19.21
N ARG D 222 20.52 1.92 -20.48
CA ARG D 222 19.41 1.00 -20.86
C ARG D 222 19.56 -0.39 -20.27
N GLU D 223 20.79 -0.88 -20.18
CA GLU D 223 21.01 -2.21 -19.60
C GLU D 223 20.76 -2.23 -18.09
N ALA D 224 21.08 -1.13 -17.40
CA ALA D 224 20.80 -1.02 -15.96
C ALA D 224 19.30 -1.09 -15.72
N LEU D 225 18.55 -0.47 -16.62
CA LEU D 225 17.09 -0.36 -16.51
C LEU D 225 16.42 -1.70 -16.68
N LEU D 226 16.78 -2.37 -17.77
CA LEU D 226 16.32 -3.72 -18.02
C LEU D 226 16.61 -4.69 -16.88
N GLY D 227 17.75 -4.53 -16.21
CA GLY D 227 18.12 -5.42 -15.11
C GLY D 227 17.21 -5.25 -13.90
N GLN D 228 16.46 -4.15 -13.84
CA GLN D 228 15.47 -3.95 -12.78
C GLN D 228 14.03 -4.47 -13.11
N ILE D 229 13.83 -4.93 -14.37
CA ILE D 229 12.55 -5.39 -14.87
C ILE D 229 12.57 -6.93 -15.06
N PRO D 230 11.81 -7.65 -14.23
CA PRO D 230 11.78 -9.11 -14.35
C PRO D 230 11.48 -9.67 -15.77
N LEU D 231 10.55 -9.07 -16.51
CA LEU D 231 10.36 -9.50 -17.93
C LEU D 231 11.56 -9.20 -18.83
N GLY D 232 12.51 -8.36 -18.40
CA GLY D 232 13.74 -8.13 -19.15
C GLY D 232 13.53 -7.35 -20.43
N ARG D 233 12.45 -6.57 -20.50
CA ARG D 233 12.21 -5.72 -21.65
C ARG D 233 11.37 -4.52 -21.28
N LEU D 234 11.34 -3.55 -22.19
CA LEU D 234 10.42 -2.41 -22.12
C LEU D 234 9.03 -2.83 -22.57
N GLY D 235 8.01 -2.18 -22.06
CA GLY D 235 6.66 -2.43 -22.53
C GLY D 235 6.39 -1.66 -23.81
N GLN D 236 5.47 -2.15 -24.63
CA GLN D 236 4.97 -1.43 -25.79
C GLN D 236 3.73 -0.59 -25.42
N ALA D 237 3.56 0.51 -26.12
CA ALA D 237 2.40 1.36 -25.91
C ALA D 237 1.12 0.56 -26.07
N GLU D 238 1.11 -0.39 -26.99
CA GLU D 238 -0.05 -1.27 -27.28
C GLU D 238 -0.43 -2.10 -26.06
N GLU D 239 0.55 -2.37 -25.21
CA GLU D 239 0.33 -3.16 -24.01
C GLU D 239 -0.37 -2.36 -22.92
N ILE D 240 -0.16 -1.05 -22.90
CA ILE D 240 -0.98 -0.19 -22.05
C ILE D 240 -2.41 -0.09 -22.63
N ALA D 241 -2.50 0.11 -23.96
CA ALA D 241 -3.78 0.26 -24.62
C ALA D 241 -4.71 -0.97 -24.42
N LYS D 242 -4.15 -2.16 -24.43
CA LYS D 242 -4.97 -3.37 -24.19
C LYS D 242 -5.60 -3.40 -22.81
N VAL D 243 -4.85 -2.96 -21.81
CA VAL D 243 -5.38 -2.91 -20.47
C VAL D 243 -6.52 -1.89 -20.42
N VAL D 244 -6.36 -0.76 -21.06
CA VAL D 244 -7.42 0.27 -21.08
C VAL D 244 -8.63 -0.25 -21.81
N GLY D 245 -8.39 -0.94 -22.92
CA GLY D 245 -9.51 -1.56 -23.67
C GLY D 245 -10.32 -2.47 -22.80
N PHE D 246 -9.66 -3.33 -22.05
CA PHE D 246 -10.38 -4.20 -21.12
C PHE D 246 -11.14 -3.43 -20.02
N LEU D 247 -10.51 -2.40 -19.43
CA LEU D 247 -11.21 -1.68 -18.34
C LEU D 247 -12.43 -0.93 -18.86
N ALA D 248 -12.40 -0.53 -20.12
CA ALA D 248 -13.56 0.10 -20.76
C ALA D 248 -14.74 -0.81 -21.10
N SER D 249 -14.53 -2.11 -21.03
CA SER D 249 -15.55 -3.07 -21.47
C SER D 249 -16.52 -3.40 -20.38
N ASP D 250 -17.59 -4.08 -20.77
CA ASP D 250 -18.63 -4.50 -19.84
CA ASP D 250 -18.65 -4.49 -19.84
C ASP D 250 -18.12 -5.56 -18.90
N GLY D 251 -17.17 -6.33 -19.38
CA GLY D 251 -16.58 -7.31 -18.53
C GLY D 251 -15.92 -6.72 -17.28
N ALA D 252 -15.47 -5.48 -17.32
CA ALA D 252 -14.77 -4.84 -16.16
C ALA D 252 -15.71 -4.03 -15.29
N ALA D 253 -16.99 -4.32 -15.42
CA ALA D 253 -17.99 -3.55 -14.73
C ALA D 253 -17.83 -3.52 -13.19
N TYR D 254 -17.20 -4.51 -12.57
CA TYR D 254 -17.13 -4.58 -11.10
C TYR D 254 -15.74 -4.20 -10.62
N VAL D 255 -14.91 -3.78 -11.57
CA VAL D 255 -13.63 -3.26 -11.26
C VAL D 255 -13.79 -1.75 -11.16
N THR D 256 -13.53 -1.21 -9.96
CA THR D 256 -13.48 0.24 -9.82
C THR D 256 -12.66 0.65 -8.62
N GLY D 257 -12.04 1.83 -8.72
CA GLY D 257 -11.11 2.31 -7.74
C GLY D 257 -9.76 1.65 -7.81
N ALA D 258 -9.53 0.86 -8.87
CA ALA D 258 -8.27 0.10 -9.01
C ALA D 258 -7.24 0.84 -9.84
N THR D 259 -5.97 0.63 -9.49
CA THR D 259 -4.84 1.03 -10.30
C THR D 259 -4.12 -0.23 -10.72
N VAL D 260 -4.12 -0.51 -12.02
CA VAL D 260 -3.52 -1.69 -12.58
C VAL D 260 -2.11 -1.33 -13.04
N PRO D 261 -1.11 -1.94 -12.43
CA PRO D 261 0.26 -1.66 -12.85
C PRO D 261 0.62 -2.47 -14.07
N VAL D 262 1.25 -1.83 -15.04
CA VAL D 262 1.65 -2.45 -16.27
C VAL D 262 3.14 -2.13 -16.43
N ASN D 263 3.97 -2.89 -15.72
CA ASN D 263 5.35 -2.53 -15.54
C ASN D 263 6.31 -3.67 -15.68
N GLY D 264 5.86 -4.80 -16.19
CA GLY D 264 6.73 -5.95 -16.33
C GLY D 264 7.33 -6.47 -15.03
N GLY D 265 6.71 -6.14 -13.90
CA GLY D 265 7.14 -6.68 -12.60
C GLY D 265 8.08 -5.75 -11.84
N MET D 266 8.38 -4.58 -12.39
CA MET D 266 9.24 -3.60 -11.71
C MET D 266 8.43 -2.66 -10.83
N TYR D 267 8.49 -2.82 -9.51
CA TYR D 267 7.68 -1.95 -8.63
C TYR D 267 8.51 -0.93 -7.84
N MET D 268 8.23 0.36 -8.10
CA MET D 268 8.95 1.47 -7.47
C MET D 268 7.95 2.37 -6.76
N SER D 269 8.12 2.56 -5.45
CA SER D 269 7.19 3.41 -4.68
C SER D 269 7.96 4.38 -3.78
#